data_7MYZ
#
_entry.id   7MYZ
#
_cell.length_a   141.535
_cell.length_b   53.734
_cell.length_c   181.697
_cell.angle_alpha   90.000
_cell.angle_beta   92.880
_cell.angle_gamma   90.000
#
_symmetry.space_group_name_H-M   'P 1 21 1'
#
loop_
_entity.id
_entity.type
_entity.pdbx_description
1 polymer 'Fusion protein of Leukocyte surface antigen CD47 an Soluble cytochrome b562'
2 polymer 'B6H12 Fab heavy chain'
3 polymer 'B6H12 Fab light chain'
4 non-polymer 2-acetamido-2-deoxy-beta-D-glucopyranose
5 non-polymer GLYCEROL
6 water water
#
loop_
_entity_poly.entity_id
_entity_poly.type
_entity_poly.pdbx_seq_one_letter_code
_entity_poly.pdbx_strand_id
1 'polypeptide(L)'
;QLLFNKTKSVEFTFCNDTVVIPCFVTNMEAQNTTEVYVKWKFKGRDIYTFDGALNKSTVPTDFSSAKIEVSQLLKGDASL
KMDKSDAVSHTGNYTCEVTELTREGETIIELKYRVVSWFSPNENILIVIFPIFAILLFWGQFGIKTLKYRSGADLEDNWE
TLNDNLKVIEKADNAAQVKDALTKMRAAALDAQKATPPKLEDKSPDSPEMKDFRHGFDILVGQIDDALKLANEGKVKEAQ
AAAEQLKTTRNAYIQKYLGMDEKTIALLVAGLVITVIVIVGAILFVPGEYSLKNATGLGLIVTSTGILILLHYYVFSTAI
GLTSFVIAILVIQVIAYILAVVGLSLCIAACIPMHGPLLISGLSILALAQLLGLVYMKFVASNQKTIQPPRKAVEEPLNA
FKESKGMMNDEHHHHHHHHHH
;
C,D
2 'polypeptide(L)'
;EVKLVESGGDLVKPGGSLKLSCAASGFTFSGYGMSWVRQTPDKRLEWVATITSGGTYTYYPDSVKGRFTISRDNAKNTLY
LQIDSLKSEDTAIYFCARSLAGNAMDYWGQGTSVTVSSASTKGPSVFPLAPSSKSTSGGTAALGCLVKDYFPEPVTVSWN
SGALTSGVHTFPAVLQSSGLYSLSSVVTVPSSSLGTQTYICNVNHKPSNTKVDKKVEPKS
;
H,I
3 'polypeptide(L)'
;DIVMTQSPATLSVTPGDRVSLSCRASQTISDYLHWYQQKSHESPRLLIKFASQSISGIPSRFSGSGSGSDFTLSINSVEP
EDVGVYYCQNGHGFPRTFGGGTKLEIKRTVAAPSVFIFPPSDEQLKSGTASVVCLLNNFYPREAKVQWKVDNALQSGNSQ
ESVTEQDSKDSTYSLSSTLTLSKADYEKHKVYACEVTHQGLSSPVTKSFNRGE
;
L,M
#
# COMPACT_ATOMS: atom_id res chain seq x y z
N GLN A 1 -21.71 2.10 20.50
CA GLN A 1 -21.91 3.36 19.73
C GLN A 1 -22.37 4.47 20.65
N LEU A 2 -21.62 5.57 20.71
CA LEU A 2 -21.93 6.74 21.56
C LEU A 2 -23.17 7.48 21.08
N LEU A 3 -23.91 8.03 22.03
CA LEU A 3 -25.09 8.90 21.82
C LEU A 3 -24.81 10.28 22.40
N PHE A 4 -25.57 11.26 21.91
CA PHE A 4 -25.36 12.69 22.25
C PHE A 4 -26.65 13.33 22.74
N ASN A 5 -26.50 14.50 23.35
CA ASN A 5 -27.55 15.53 23.54
C ASN A 5 -27.71 16.27 22.22
N LYS A 6 -28.59 15.77 21.35
CA LYS A 6 -28.82 16.29 19.99
C LYS A 6 -29.16 17.78 20.07
N THR A 7 -28.40 18.61 19.34
CA THR A 7 -28.63 20.07 19.23
C THR A 7 -28.68 20.47 17.74
N LYS A 8 -29.83 20.98 17.31
CA LYS A 8 -30.06 21.36 15.89
C LYS A 8 -29.04 22.40 15.43
N SER A 9 -28.96 23.52 16.14
CA SER A 9 -28.11 24.67 15.74
C SER A 9 -27.91 25.63 16.91
N VAL A 10 -26.98 26.55 16.74
CA VAL A 10 -26.71 27.67 17.68
C VAL A 10 -26.50 28.96 16.89
N GLU A 11 -27.03 30.06 17.44
CA GLU A 11 -26.91 31.42 16.87
C GLU A 11 -25.98 32.26 17.74
N PHE A 12 -25.08 32.98 17.08
CA PHE A 12 -24.19 33.97 17.72
C PHE A 12 -24.34 35.31 17.01
N THR A 13 -24.12 36.38 17.79
CA THR A 13 -24.31 37.79 17.40
C THR A 13 -22.98 38.52 17.45
N PHE A 14 -22.93 39.75 16.95
CA PHE A 14 -21.68 40.55 16.90
C PHE A 14 -21.04 40.58 18.29
N CYS A 15 -21.85 40.88 19.30
CA CYS A 15 -21.45 40.78 20.72
C CYS A 15 -21.71 39.36 21.23
N ASN A 16 -20.81 38.44 20.85
CA ASN A 16 -20.67 37.05 21.41
C ASN A 16 -19.18 36.73 21.43
N ASP A 17 -18.39 37.64 22.03
CA ASP A 17 -16.91 37.59 22.09
C ASP A 17 -16.45 36.16 21.82
N THR A 18 -16.76 35.27 22.77
CA THR A 18 -16.38 33.83 22.73
C THR A 18 -17.59 32.97 22.33
N VAL A 19 -17.36 32.10 21.36
CA VAL A 19 -18.38 31.26 20.69
C VAL A 19 -18.18 29.81 21.13
N VAL A 20 -19.30 29.16 21.43
CA VAL A 20 -19.34 27.79 21.99
C VAL A 20 -20.27 26.93 21.15
N ILE A 21 -19.73 25.85 20.60
CA ILE A 21 -20.49 24.81 19.86
C ILE A 21 -20.62 23.58 20.75
N PRO A 22 -21.86 23.21 21.13
CA PRO A 22 -22.09 22.16 22.11
C PRO A 22 -21.94 20.74 21.58
N CYS A 23 -21.28 19.88 22.35
CA CYS A 23 -21.16 18.44 22.02
C CYS A 23 -21.10 17.68 23.33
N PHE A 24 -22.16 16.97 23.66
CA PHE A 24 -22.32 16.27 24.96
C PHE A 24 -22.55 14.78 24.72
N VAL A 25 -21.63 13.96 25.15
CA VAL A 25 -21.77 12.48 25.12
C VAL A 25 -22.50 12.00 26.37
N THR A 26 -23.66 11.39 26.17
CA THR A 26 -24.56 10.97 27.29
C THR A 26 -24.07 9.68 27.94
N ASN A 27 -23.43 8.79 27.18
CA ASN A 27 -22.97 7.48 27.70
C ASN A 27 -21.46 7.30 27.54
N MET A 28 -20.69 8.26 28.04
CA MET A 28 -19.19 8.17 28.11
C MET A 28 -18.74 7.24 29.23
N GLU A 29 -17.79 6.37 28.96
CA GLU A 29 -17.39 5.29 29.90
C GLU A 29 -15.91 5.39 30.27
N ALA A 30 -15.17 6.26 29.59
CA ALA A 30 -13.73 6.44 29.77
C ALA A 30 -13.45 6.80 31.22
N GLN A 31 -12.24 6.47 31.69
CA GLN A 31 -11.75 6.84 33.04
C GLN A 31 -10.41 7.55 32.97
N ASN A 32 -9.90 7.80 31.77
CA ASN A 32 -8.75 8.71 31.57
C ASN A 32 -8.74 9.22 30.12
N THR A 33 -8.27 10.45 29.97
CA THR A 33 -8.19 11.12 28.66
C THR A 33 -7.34 10.29 27.70
N THR A 34 -6.42 9.47 28.21
CA THR A 34 -5.57 8.54 27.42
C THR A 34 -6.44 7.71 26.47
N GLU A 35 -7.65 7.40 26.94
CA GLU A 35 -8.59 6.48 26.24
C GLU A 35 -9.33 7.21 25.13
N VAL A 36 -9.21 8.54 25.10
CA VAL A 36 -10.12 9.43 24.35
C VAL A 36 -9.40 10.20 23.24
N TYR A 37 -10.11 10.38 22.14
CA TYR A 37 -9.67 11.20 20.99
C TYR A 37 -10.84 12.01 20.48
N VAL A 38 -10.68 13.32 20.36
CA VAL A 38 -11.74 14.20 19.81
C VAL A 38 -11.26 14.91 18.55
N LYS A 39 -12.02 14.76 17.47
CA LYS A 39 -11.79 15.45 16.18
C LYS A 39 -13.01 16.30 15.81
N TRP A 40 -12.79 17.61 15.78
CA TRP A 40 -13.73 18.62 15.26
C TRP A 40 -13.44 18.89 13.79
N LYS A 41 -14.47 18.68 12.98
CA LYS A 41 -14.41 18.88 11.50
C LYS A 41 -15.33 20.03 11.10
N PHE A 42 -14.89 20.81 10.12
CA PHE A 42 -15.73 21.81 9.41
C PHE A 42 -15.45 21.77 7.90
N LYS A 43 -16.49 21.52 7.11
CA LYS A 43 -16.45 21.61 5.63
C LYS A 43 -15.46 20.60 5.08
N GLY A 44 -15.36 19.43 5.72
CA GLY A 44 -14.50 18.34 5.24
C GLY A 44 -13.07 18.45 5.70
N ARG A 45 -12.76 19.48 6.50
CA ARG A 45 -11.42 19.67 7.07
C ARG A 45 -11.40 19.25 8.53
N ASP A 46 -10.24 18.81 9.01
CA ASP A 46 -9.98 18.59 10.45
C ASP A 46 -9.50 19.91 11.06
N ILE A 47 -10.38 20.56 11.81
CA ILE A 47 -10.17 21.94 12.31
C ILE A 47 -9.77 21.95 13.80
N TYR A 48 -10.02 20.86 14.51
CA TYR A 48 -9.47 20.73 15.88
C TYR A 48 -9.31 19.26 16.28
N THR A 49 -8.15 18.87 16.78
CA THR A 49 -7.92 17.48 17.26
C THR A 49 -7.27 17.50 18.64
N PHE A 50 -7.89 16.78 19.58
CA PHE A 50 -7.32 16.46 20.89
C PHE A 50 -7.01 14.97 20.94
N ASP A 51 -5.73 14.65 20.99
CA ASP A 51 -5.21 13.29 21.31
C ASP A 51 -5.01 13.20 22.81
N GLY A 52 -5.82 12.37 23.46
CA GLY A 52 -5.79 12.16 24.92
C GLY A 52 -4.47 11.61 25.40
N ALA A 53 -3.94 10.66 24.65
CA ALA A 53 -2.73 9.86 25.00
C ALA A 53 -1.52 10.76 25.19
N LEU A 54 -1.42 11.80 24.34
CA LEU A 54 -0.30 12.75 24.35
C LEU A 54 -0.76 14.12 24.84
N ASN A 55 -2.04 14.26 25.16
CA ASN A 55 -2.76 15.57 25.24
C ASN A 55 -2.09 16.63 24.37
N LYS A 56 -2.08 16.35 23.08
CA LYS A 56 -1.66 17.24 21.98
C LYS A 56 -2.90 17.86 21.34
N SER A 57 -3.21 19.11 21.67
CA SER A 57 -4.21 19.90 20.97
C SER A 57 -3.59 20.50 19.70
N THR A 58 -4.18 20.23 18.55
CA THR A 58 -3.63 20.61 17.23
C THR A 58 -4.76 21.18 16.37
N VAL A 59 -4.48 22.35 15.79
CA VAL A 59 -5.44 23.17 15.02
C VAL A 59 -4.75 23.74 13.80
N PRO A 60 -5.50 24.01 12.72
CA PRO A 60 -4.99 24.73 11.57
C PRO A 60 -4.75 26.20 11.89
N THR A 61 -4.07 26.88 10.97
CA THR A 61 -3.69 28.30 11.10
C THR A 61 -4.93 29.17 10.97
N ASP A 62 -6.00 28.63 10.41
CA ASP A 62 -7.28 29.31 10.14
C ASP A 62 -8.22 29.25 11.34
N PHE A 63 -7.83 28.52 12.37
CA PHE A 63 -8.66 28.33 13.58
C PHE A 63 -7.79 28.38 14.84
N SER A 64 -6.67 29.10 14.78
CA SER A 64 -5.61 29.12 15.81
C SER A 64 -6.14 29.34 17.23
N SER A 65 -7.38 29.79 17.35
CA SER A 65 -7.99 30.22 18.63
C SER A 65 -8.80 29.10 19.28
N ALA A 66 -9.13 28.07 18.49
CA ALA A 66 -10.02 26.96 18.89
C ALA A 66 -9.44 26.13 20.03
N LYS A 67 -10.35 25.65 20.89
CA LYS A 67 -10.01 24.83 22.09
C LYS A 67 -11.28 24.08 22.54
N ILE A 68 -11.09 22.96 23.27
CA ILE A 68 -12.12 22.42 24.21
C ILE A 68 -11.50 22.36 25.60
N GLU A 69 -12.37 22.44 26.61
CA GLU A 69 -11.95 22.31 28.03
C GLU A 69 -11.69 20.84 28.32
N VAL A 70 -10.41 20.48 28.42
CA VAL A 70 -9.94 19.09 28.70
C VAL A 70 -10.63 18.59 29.96
N SER A 71 -10.63 19.45 30.98
CA SER A 71 -11.18 19.19 32.33
C SER A 71 -12.51 18.42 32.29
N GLN A 72 -13.38 18.83 31.36
CA GLN A 72 -14.79 18.37 31.31
C GLN A 72 -14.97 17.19 30.35
N LEU A 73 -13.90 16.81 29.68
CA LEU A 73 -13.94 15.84 28.56
C LEU A 73 -14.53 14.52 29.03
N LEU A 74 -14.01 14.00 30.16
CA LEU A 74 -14.38 12.67 30.69
C LEU A 74 -15.82 12.65 31.19
N LYS A 75 -16.39 13.85 31.43
CA LYS A 75 -17.81 13.98 31.86
C LYS A 75 -18.75 13.86 30.66
N GLY A 76 -18.23 14.02 29.46
CA GLY A 76 -19.02 13.98 28.23
C GLY A 76 -19.02 15.30 27.48
N ASP A 77 -18.36 16.32 28.04
CA ASP A 77 -18.31 17.68 27.47
C ASP A 77 -17.16 17.79 26.48
N ALA A 78 -17.46 17.70 25.18
CA ALA A 78 -16.51 17.77 24.07
C ALA A 78 -16.79 19.03 23.27
N SER A 79 -17.40 20.01 23.92
CA SER A 79 -17.86 21.26 23.26
C SER A 79 -16.66 22.10 22.84
N LEU A 80 -16.81 22.77 21.70
CA LEU A 80 -15.76 23.58 21.04
C LEU A 80 -15.88 25.04 21.44
N LYS A 81 -14.74 25.68 21.75
CA LYS A 81 -14.65 27.13 22.07
C LYS A 81 -13.75 27.81 21.03
N MET A 82 -14.19 28.95 20.49
CA MET A 82 -13.36 29.76 19.57
C MET A 82 -13.73 31.23 19.72
N ASP A 83 -12.81 32.12 19.36
CA ASP A 83 -13.05 33.58 19.40
C ASP A 83 -14.01 33.96 18.28
N LYS A 84 -14.52 35.20 18.33
CA LYS A 84 -15.58 35.70 17.44
C LYS A 84 -15.08 35.77 16.00
N SER A 85 -13.82 36.17 15.82
CA SER A 85 -13.23 36.53 14.51
C SER A 85 -13.10 35.28 13.62
N ASP A 86 -12.77 34.16 14.24
CA ASP A 86 -12.66 32.84 13.57
C ASP A 86 -14.05 32.32 13.23
N ALA A 87 -14.98 32.44 14.17
CA ALA A 87 -16.34 31.87 14.03
C ALA A 87 -17.09 32.54 12.88
N VAL A 88 -17.07 33.87 12.87
CA VAL A 88 -17.81 34.71 11.88
C VAL A 88 -17.53 34.23 10.45
N SER A 89 -16.28 33.93 10.15
CA SER A 89 -15.80 33.59 8.80
C SER A 89 -16.12 32.14 8.46
N HIS A 90 -16.50 31.37 9.47
CA HIS A 90 -16.76 29.92 9.36
C HIS A 90 -18.11 29.52 9.95
N THR A 91 -19.18 29.94 9.30
CA THR A 91 -20.56 29.50 9.64
C THR A 91 -20.95 28.34 8.74
N GLY A 92 -21.35 27.24 9.37
CA GLY A 92 -21.73 26.02 8.63
C GLY A 92 -22.08 24.88 9.55
N ASN A 93 -21.95 23.66 9.03
CA ASN A 93 -22.26 22.41 9.73
C ASN A 93 -20.96 21.84 10.30
N TYR A 94 -20.69 22.15 11.56
CA TYR A 94 -19.60 21.56 12.39
C TYR A 94 -19.95 20.13 12.76
N THR A 95 -18.94 19.25 12.73
CA THR A 95 -19.04 17.83 13.12
C THR A 95 -18.06 17.52 14.26
N CYS A 96 -18.60 16.89 15.29
CA CYS A 96 -17.87 16.44 16.49
C CYS A 96 -17.77 14.92 16.44
N GLU A 97 -16.55 14.40 16.39
CA GLU A 97 -16.23 12.96 16.44
C GLU A 97 -15.49 12.66 17.73
N VAL A 98 -16.02 11.81 18.58
CA VAL A 98 -15.42 11.42 19.87
C VAL A 98 -15.19 9.91 19.82
N THR A 99 -14.01 9.48 20.25
CA THR A 99 -13.61 8.06 20.19
C THR A 99 -13.03 7.62 21.54
N GLU A 100 -13.57 6.52 22.05
CA GLU A 100 -13.06 5.80 23.25
C GLU A 100 -12.25 4.60 22.75
N LEU A 101 -12.08 3.61 23.63
CA LEU A 101 -11.34 2.37 23.32
C LEU A 101 -12.05 1.56 22.25
N THR A 102 -13.31 1.20 22.52
CA THR A 102 -14.05 0.25 21.66
C THR A 102 -15.39 0.83 21.20
N ARG A 103 -15.74 2.03 21.62
CA ARG A 103 -16.94 2.72 21.11
C ARG A 103 -16.54 4.09 20.61
N GLU A 104 -17.23 4.51 19.57
CA GLU A 104 -17.07 5.84 18.94
C GLU A 104 -18.44 6.44 18.69
N GLY A 105 -18.49 7.75 18.44
CA GLY A 105 -19.70 8.44 17.98
C GLY A 105 -19.39 9.79 17.39
N GLU A 106 -20.33 10.32 16.61
CA GLU A 106 -20.18 11.66 16.01
C GLU A 106 -21.55 12.31 15.92
N THR A 107 -21.58 13.62 15.93
CA THR A 107 -22.83 14.41 15.82
C THR A 107 -22.52 15.73 15.12
N ILE A 108 -23.58 16.34 14.56
CA ILE A 108 -23.48 17.52 13.63
C ILE A 108 -24.29 18.68 14.22
N ILE A 109 -23.69 19.85 14.29
CA ILE A 109 -24.33 21.11 14.77
C ILE A 109 -24.05 22.20 13.75
N GLU A 110 -25.09 22.82 13.21
CA GLU A 110 -25.00 23.99 12.30
C GLU A 110 -24.76 25.26 13.12
N LEU A 111 -23.70 25.99 12.77
CA LEU A 111 -23.43 27.33 13.32
C LEU A 111 -24.04 28.41 12.42
N LYS A 112 -25.01 29.12 12.99
CA LYS A 112 -25.79 30.21 12.35
C LYS A 112 -25.40 31.56 12.95
N TYR A 113 -25.42 32.60 12.13
CA TYR A 113 -25.16 34.00 12.52
C TYR A 113 -26.39 34.84 12.20
N ARG A 114 -26.76 35.72 13.12
CA ARG A 114 -27.82 36.74 12.94
C ARG A 114 -27.29 38.09 13.38
N VAL A 115 -27.67 39.15 12.64
CA VAL A 115 -27.43 40.57 13.05
C VAL A 115 -28.75 41.22 13.46
N VAL A 116 -28.82 41.57 14.75
CA VAL A 116 -29.74 42.58 15.35
C VAL A 116 -28.88 43.64 16.03
N SER A 117 -28.47 44.65 15.24
CA SER A 117 -27.37 45.56 15.61
C SER A 117 -27.82 46.47 16.75
N TRP A 118 -27.05 46.46 17.84
CA TRP A 118 -27.31 47.07 19.18
C TRP A 118 -28.70 46.79 19.73
N PHE A 119 -29.71 47.53 19.26
CA PHE A 119 -31.10 47.42 19.73
C PHE A 119 -31.95 46.65 18.71
N SER A 120 -33.00 46.04 19.24
CA SER A 120 -33.99 45.27 18.47
C SER A 120 -34.81 46.23 17.60
N PRO A 121 -35.11 45.82 16.34
CA PRO A 121 -35.80 46.71 15.39
C PRO A 121 -36.82 47.73 15.90
N ASN A 122 -37.68 47.27 16.82
CA ASN A 122 -38.76 48.06 17.42
C ASN A 122 -38.21 49.14 18.35
N GLU A 123 -37.11 48.82 19.02
CA GLU A 123 -36.55 49.66 20.10
C GLU A 123 -35.80 50.84 19.49
N ASN A 124 -35.04 50.55 18.43
CA ASN A 124 -34.19 51.55 17.74
C ASN A 124 -34.99 52.32 16.69
N ILE A 125 -36.27 52.02 16.57
CA ILE A 125 -37.23 52.77 15.71
C ILE A 125 -38.07 53.67 16.61
N LEU A 126 -38.09 53.42 17.91
CA LEU A 126 -38.76 54.29 18.90
C LEU A 126 -37.89 55.47 19.29
N ILE A 127 -36.70 55.19 19.81
CA ILE A 127 -35.86 56.26 20.44
C ILE A 127 -35.31 57.19 19.37
N VAL A 128 -35.77 57.02 18.13
CA VAL A 128 -35.39 57.94 17.01
C VAL A 128 -36.58 58.82 16.67
N ILE A 129 -37.80 58.30 16.79
CA ILE A 129 -39.02 58.98 16.29
C ILE A 129 -39.58 59.87 17.39
N PHE A 130 -39.43 59.47 18.65
CA PHE A 130 -39.96 60.27 19.78
C PHE A 130 -39.19 61.60 19.93
N PRO A 131 -37.85 61.57 19.91
CA PRO A 131 -37.11 62.83 19.91
C PRO A 131 -36.87 63.44 18.53
N ILE A 132 -37.77 63.13 17.58
CA ILE A 132 -37.91 63.86 16.29
C ILE A 132 -39.31 64.47 16.23
N PHE A 133 -40.33 63.66 16.51
CA PHE A 133 -41.70 64.16 16.78
C PHE A 133 -41.68 65.32 17.79
N ALA A 134 -40.93 65.11 18.88
CA ALA A 134 -40.78 66.09 20.00
C ALA A 134 -40.34 67.46 19.47
N ILE A 135 -39.20 67.50 18.78
CA ILE A 135 -38.62 68.78 18.29
C ILE A 135 -39.48 69.33 17.15
N LEU A 136 -39.96 68.47 16.25
CA LEU A 136 -40.91 68.83 15.19
C LEU A 136 -42.06 69.62 15.81
N LEU A 137 -42.54 69.13 16.96
CA LEU A 137 -43.62 69.78 17.72
C LEU A 137 -43.15 71.12 18.28
N PHE A 138 -41.94 71.17 18.86
CA PHE A 138 -41.32 72.42 19.38
C PHE A 138 -41.33 73.51 18.31
N TRP A 139 -41.07 73.15 17.06
CA TRP A 139 -41.05 74.01 15.87
C TRP A 139 -42.41 74.66 15.68
N GLY A 140 -43.50 73.92 15.94
CA GLY A 140 -44.87 74.42 15.92
C GLY A 140 -45.11 75.50 16.94
N GLN A 141 -44.65 75.29 18.18
CA GLN A 141 -44.72 76.30 19.27
C GLN A 141 -43.86 77.51 18.91
N PHE A 142 -42.69 77.27 18.30
CA PHE A 142 -41.73 78.34 17.87
C PHE A 142 -42.33 79.17 16.74
N GLY A 143 -42.87 78.50 15.72
CA GLY A 143 -43.56 79.14 14.59
C GLY A 143 -44.79 79.90 15.03
N ILE A 144 -45.65 79.28 15.84
CA ILE A 144 -46.89 79.91 16.39
C ILE A 144 -46.52 81.04 17.35
N LYS A 145 -45.47 80.88 18.15
CA LYS A 145 -45.08 81.86 19.19
C LYS A 145 -44.41 83.06 18.53
N THR A 146 -43.62 82.82 17.48
CA THR A 146 -43.02 83.89 16.63
C THR A 146 -44.11 84.70 15.89
N LEU A 147 -44.94 84.00 15.13
CA LEU A 147 -46.06 84.56 14.34
C LEU A 147 -47.41 84.12 14.93
N THR A 264 -37.23 85.84 19.48
CA THR A 264 -36.13 85.67 20.47
C THR A 264 -34.76 85.58 19.79
N ILE A 265 -34.70 85.06 18.56
CA ILE A 265 -33.42 84.77 17.85
C ILE A 265 -32.77 83.57 18.57
N ALA A 266 -32.33 83.77 19.82
CA ALA A 266 -31.82 82.78 20.79
C ALA A 266 -32.45 81.41 20.58
N LEU A 267 -33.77 81.34 20.71
CA LEU A 267 -34.56 80.09 20.65
C LEU A 267 -34.44 79.46 19.25
N LEU A 268 -34.41 80.30 18.22
CA LEU A 268 -34.28 79.90 16.80
C LEU A 268 -32.80 79.62 16.50
N VAL A 269 -31.92 80.30 17.23
CA VAL A 269 -30.44 80.10 17.20
C VAL A 269 -30.10 78.68 17.66
N ALA A 270 -30.67 78.32 18.80
CA ALA A 270 -30.49 77.02 19.48
C ALA A 270 -31.51 76.02 18.97
N GLY A 271 -32.46 76.50 18.18
CA GLY A 271 -33.51 75.68 17.52
C GLY A 271 -33.04 74.92 16.29
N LEU A 272 -32.30 75.60 15.41
CA LEU A 272 -31.76 74.96 14.19
C LEU A 272 -30.76 73.87 14.57
N VAL A 273 -29.90 74.16 15.53
CA VAL A 273 -28.81 73.26 16.00
C VAL A 273 -29.39 71.96 16.56
N ILE A 274 -30.54 72.06 17.22
CA ILE A 274 -31.17 70.90 17.90
C ILE A 274 -31.68 69.94 16.83
N THR A 275 -32.31 70.50 15.80
CA THR A 275 -32.85 69.72 14.65
C THR A 275 -31.68 69.08 13.90
N VAL A 276 -30.59 69.83 13.79
CA VAL A 276 -29.37 69.38 13.09
C VAL A 276 -28.72 68.20 13.82
N ILE A 277 -28.57 68.30 15.14
CA ILE A 277 -27.84 67.26 15.94
C ILE A 277 -28.79 66.14 16.36
N VAL A 278 -30.09 66.28 16.10
CA VAL A 278 -30.99 65.11 16.12
C VAL A 278 -30.87 64.41 14.77
N ILE A 279 -30.86 65.19 13.68
CA ILE A 279 -30.69 64.65 12.31
C ILE A 279 -29.31 64.02 12.19
N VAL A 280 -28.34 64.52 12.97
CA VAL A 280 -26.94 64.00 12.96
C VAL A 280 -26.84 62.79 13.89
N GLY A 281 -27.37 62.98 15.10
CA GLY A 281 -27.47 61.95 16.14
C GLY A 281 -28.20 60.71 15.69
N ALA A 282 -29.25 60.91 14.87
CA ALA A 282 -30.19 59.85 14.46
C ALA A 282 -29.80 59.31 13.09
N ILE A 283 -28.55 59.57 12.68
CA ILE A 283 -27.96 58.87 11.51
C ILE A 283 -26.52 58.45 11.80
N LEU A 284 -25.96 59.02 12.87
CA LEU A 284 -24.77 58.46 13.52
C LEU A 284 -25.16 57.16 14.22
N PHE A 285 -26.29 57.19 14.90
CA PHE A 285 -26.97 56.02 15.48
C PHE A 285 -27.91 55.39 14.44
N VAL A 286 -27.78 54.07 14.23
CA VAL A 286 -28.69 53.16 13.44
C VAL A 286 -27.92 52.41 12.36
N PRO A 287 -26.74 52.91 11.91
CA PRO A 287 -25.84 52.06 11.14
C PRO A 287 -25.01 51.11 11.99
N GLY A 288 -24.53 50.04 11.35
CA GLY A 288 -23.47 49.15 11.88
C GLY A 288 -24.00 48.09 12.84
N GLU A 289 -23.09 47.56 13.67
CA GLU A 289 -23.39 46.61 14.77
C GLU A 289 -22.74 47.12 16.04
N TYR A 290 -23.47 47.92 16.82
CA TYR A 290 -23.00 48.55 18.09
C TYR A 290 -21.57 49.08 17.98
N SER A 291 -21.45 50.28 17.40
CA SER A 291 -20.19 51.03 17.24
C SER A 291 -20.01 51.98 18.43
N LEU A 292 -19.05 52.88 18.34
CA LEU A 292 -19.04 54.12 19.15
C LEU A 292 -19.68 55.22 18.31
N LYS A 293 -19.85 54.92 17.01
CA LYS A 293 -20.75 55.61 16.05
C LYS A 293 -22.18 55.72 16.59
N ASN A 294 -22.69 54.58 17.07
CA ASN A 294 -24.07 54.50 17.58
C ASN A 294 -24.17 55.11 18.98
N ALA A 295 -23.24 54.69 19.83
CA ALA A 295 -23.04 55.15 21.22
C ALA A 295 -23.03 56.66 21.33
N THR A 296 -22.32 57.31 20.41
CA THR A 296 -22.25 58.78 20.28
C THR A 296 -23.50 59.35 19.62
N GLY A 297 -24.00 58.67 18.61
CA GLY A 297 -25.25 59.03 17.94
C GLY A 297 -26.40 59.22 18.90
N LEU A 298 -26.55 58.21 19.76
CA LEU A 298 -27.61 58.16 20.80
C LEU A 298 -27.34 59.21 21.88
N GLY A 299 -26.06 59.47 22.16
CA GLY A 299 -25.66 60.46 23.18
C GLY A 299 -25.97 61.86 22.74
N LEU A 300 -25.63 62.16 21.48
CA LEU A 300 -26.02 63.42 20.79
C LEU A 300 -27.53 63.58 20.83
N ILE A 301 -28.25 62.48 20.59
CA ILE A 301 -29.72 62.43 20.65
C ILE A 301 -30.24 62.83 22.04
N VAL A 302 -29.77 62.14 23.08
CA VAL A 302 -30.29 62.37 24.46
C VAL A 302 -29.86 63.75 24.96
N THR A 303 -28.72 64.26 24.50
CA THR A 303 -28.25 65.62 24.87
C THR A 303 -29.00 66.71 24.10
N SER A 304 -29.42 66.37 22.89
CA SER A 304 -30.27 67.25 22.06
C SER A 304 -31.63 67.42 22.73
N THR A 305 -32.21 66.29 23.10
CA THR A 305 -33.45 66.22 23.89
C THR A 305 -33.21 66.83 25.27
N GLY A 306 -31.95 66.89 25.68
CA GLY A 306 -31.52 67.45 26.96
C GLY A 306 -31.26 68.94 26.96
N ILE A 307 -31.25 69.56 25.77
CA ILE A 307 -31.26 71.04 25.61
C ILE A 307 -32.65 71.45 25.13
N LEU A 308 -33.44 70.50 24.63
CA LEU A 308 -34.86 70.68 24.31
C LEU A 308 -35.64 70.92 25.60
N ILE A 309 -35.30 70.18 26.64
CA ILE A 309 -35.93 70.34 27.98
C ILE A 309 -35.85 71.80 28.43
N LEU A 310 -34.76 72.48 28.06
CA LEU A 310 -34.49 73.91 28.38
C LEU A 310 -35.21 74.83 27.39
N LEU A 311 -35.20 74.46 26.10
CA LEU A 311 -35.81 75.23 25.00
C LEU A 311 -37.33 75.09 24.96
N HIS A 312 -37.93 74.25 25.82
CA HIS A 312 -39.40 74.11 25.97
C HIS A 312 -39.90 74.99 27.10
N TYR A 313 -39.07 75.23 28.11
CA TYR A 313 -39.31 76.13 29.26
C TYR A 313 -38.77 77.52 28.97
N TYR A 314 -38.59 77.85 27.68
CA TYR A 314 -38.09 79.15 27.15
C TYR A 314 -39.23 79.73 26.28
N VAL A 315 -40.42 79.84 26.88
CA VAL A 315 -41.63 80.54 26.37
C VAL A 315 -41.71 81.92 27.03
N PHE A 316 -42.56 82.08 28.05
CA PHE A 316 -42.73 83.34 28.81
C PHE A 316 -42.79 84.57 27.88
N LEU A 322 -45.96 82.23 34.82
CA LEU A 322 -46.27 80.81 34.45
C LEU A 322 -47.70 80.47 34.87
N THR A 323 -48.36 79.52 34.19
CA THR A 323 -49.62 78.90 34.66
C THR A 323 -49.29 77.79 35.67
N SER A 324 -50.32 77.12 36.20
CA SER A 324 -50.23 75.87 36.98
C SER A 324 -49.98 74.68 36.04
N PHE A 325 -49.98 74.93 34.72
CA PHE A 325 -49.89 73.87 33.68
C PHE A 325 -48.44 73.73 33.23
N VAL A 326 -47.61 74.76 33.40
CA VAL A 326 -46.20 74.77 32.96
C VAL A 326 -45.33 74.00 33.98
N ILE A 327 -45.51 74.30 35.26
CA ILE A 327 -44.67 73.72 36.33
C ILE A 327 -44.87 72.20 36.37
N ALA A 328 -46.05 71.74 36.01
CA ALA A 328 -46.35 70.30 35.81
C ALA A 328 -45.51 69.74 34.65
N ILE A 329 -45.89 70.09 33.43
CA ILE A 329 -45.27 69.51 32.20
C ILE A 329 -43.75 69.58 32.31
N LEU A 330 -43.22 70.68 32.85
CA LEU A 330 -41.76 70.87 33.05
C LEU A 330 -41.17 69.86 34.05
N VAL A 331 -41.80 69.70 35.22
CA VAL A 331 -41.21 68.86 36.29
C VAL A 331 -41.25 67.41 35.85
N ILE A 332 -42.31 67.00 35.16
CA ILE A 332 -42.49 65.60 34.69
C ILE A 332 -41.59 65.37 33.47
N GLN A 333 -41.34 66.44 32.71
CA GLN A 333 -40.39 66.40 31.56
C GLN A 333 -38.97 66.18 32.06
N VAL A 334 -38.62 66.85 33.15
CA VAL A 334 -37.32 66.68 33.85
C VAL A 334 -37.19 65.26 34.42
N ILE A 335 -38.20 64.83 35.17
CA ILE A 335 -38.32 63.45 35.73
C ILE A 335 -38.01 62.42 34.65
N ALA A 336 -38.81 62.42 33.60
CA ALA A 336 -38.71 61.49 32.46
C ALA A 336 -37.39 61.68 31.73
N TYR A 337 -36.82 62.90 31.80
CA TYR A 337 -35.54 63.18 31.13
C TYR A 337 -34.39 62.51 31.87
N ILE A 338 -34.21 62.81 33.14
CA ILE A 338 -33.11 62.20 33.93
C ILE A 338 -33.37 60.70 34.10
N LEU A 339 -34.62 60.28 33.99
CA LEU A 339 -34.99 58.85 33.90
C LEU A 339 -34.49 58.26 32.58
N ALA A 340 -34.41 59.10 31.54
CA ALA A 340 -34.00 58.66 30.20
C ALA A 340 -32.49 58.77 30.03
N VAL A 341 -31.81 59.60 30.83
CA VAL A 341 -30.35 59.75 30.83
C VAL A 341 -29.70 58.71 31.75
N VAL A 342 -30.22 58.57 32.95
CA VAL A 342 -29.86 57.51 33.91
C VAL A 342 -30.51 56.21 33.45
N GLY A 343 -31.34 56.32 32.43
CA GLY A 343 -31.97 55.25 31.64
C GLY A 343 -31.11 54.86 30.46
N LEU A 344 -30.02 55.60 30.22
CA LEU A 344 -29.06 55.34 29.13
C LEU A 344 -27.68 55.00 29.69
N SER A 345 -27.37 55.54 30.86
CA SER A 345 -26.13 55.25 31.61
C SER A 345 -25.96 53.75 31.80
N LEU A 346 -27.08 53.02 31.84
CA LEU A 346 -27.14 51.53 31.85
C LEU A 346 -26.68 50.94 30.52
N CYS A 347 -27.32 51.42 29.46
CA CYS A 347 -27.30 50.87 28.08
C CYS A 347 -25.99 51.13 27.34
N ILE A 348 -25.35 52.27 27.56
CA ILE A 348 -24.16 52.67 26.76
C ILE A 348 -23.06 51.63 26.87
N ALA A 349 -23.04 50.90 28.01
CA ALA A 349 -22.07 49.86 28.38
C ALA A 349 -22.47 48.51 27.77
N ALA A 350 -21.74 48.09 26.75
CA ALA A 350 -21.79 46.75 26.15
C ALA A 350 -23.02 46.56 25.24
N CYS A 351 -22.84 45.71 24.24
CA CYS A 351 -23.87 45.34 23.25
C CYS A 351 -24.86 44.37 23.90
N ILE A 352 -26.08 44.36 23.35
CA ILE A 352 -27.27 43.64 23.92
C ILE A 352 -27.56 44.17 25.33
N PRO A 353 -27.98 45.45 25.47
CA PRO A 353 -28.39 45.98 26.76
C PRO A 353 -29.88 45.75 26.97
N MET A 354 -30.24 44.92 27.93
CA MET A 354 -31.67 44.60 28.19
C MET A 354 -32.24 45.64 29.16
N HIS A 355 -32.03 46.90 28.80
CA HIS A 355 -32.42 48.12 29.57
C HIS A 355 -32.98 49.19 28.62
N GLY A 356 -33.81 48.78 27.66
CA GLY A 356 -34.37 49.66 26.61
C GLY A 356 -35.61 50.46 27.00
N PRO A 357 -36.63 49.81 27.62
CA PRO A 357 -37.85 50.52 28.05
C PRO A 357 -37.76 51.86 28.79
N LEU A 358 -36.71 52.04 29.60
CA LEU A 358 -36.52 53.31 30.36
C LEU A 358 -36.15 54.45 29.41
N LEU A 359 -35.16 54.15 28.56
CA LEU A 359 -34.70 55.06 27.51
C LEU A 359 -35.83 55.46 26.58
N ILE A 360 -36.78 54.57 26.29
CA ILE A 360 -37.91 54.82 25.36
C ILE A 360 -39.00 55.59 26.12
N SER A 361 -39.22 55.24 27.38
CA SER A 361 -40.35 55.79 28.17
C SER A 361 -40.10 57.27 28.48
N GLY A 362 -38.88 57.57 28.88
CA GLY A 362 -38.48 58.97 29.15
C GLY A 362 -38.70 59.84 27.95
N LEU A 363 -38.21 59.39 26.80
CA LEU A 363 -38.35 60.11 25.50
C LEU A 363 -39.82 60.18 25.11
N SER A 364 -40.61 59.22 25.57
CA SER A 364 -42.09 59.18 25.40
C SER A 364 -42.76 60.35 26.10
N ILE A 365 -42.49 60.47 27.40
CA ILE A 365 -43.04 61.56 28.26
C ILE A 365 -42.51 62.90 27.78
N LEU A 366 -41.28 62.95 27.25
CA LEU A 366 -40.72 64.22 26.72
C LEU A 366 -41.34 64.58 25.36
N ALA A 367 -41.79 63.57 24.63
CA ALA A 367 -42.47 63.77 23.35
C ALA A 367 -43.82 64.34 23.74
N LEU A 368 -44.44 63.76 24.76
CA LEU A 368 -45.86 64.02 25.08
C LEU A 368 -45.95 65.36 25.79
N ALA A 369 -45.01 65.65 26.69
CA ALA A 369 -44.87 66.96 27.36
C ALA A 369 -44.82 68.08 26.31
N GLN A 370 -44.00 67.83 25.29
CA GLN A 370 -43.88 68.73 24.13
C GLN A 370 -45.25 68.86 23.48
N LEU A 371 -46.05 67.78 23.50
CA LEU A 371 -47.36 67.72 22.83
C LEU A 371 -48.36 68.58 23.60
N LEU A 372 -48.42 68.43 24.93
CA LEU A 372 -49.13 69.37 25.84
C LEU A 372 -48.72 70.81 25.54
N GLY A 373 -47.42 70.99 25.36
CA GLY A 373 -46.83 72.28 24.97
C GLY A 373 -47.47 72.91 23.74
N LEU A 374 -47.56 72.12 22.66
CA LEU A 374 -47.95 72.66 21.33
C LEU A 374 -49.36 73.23 21.42
N VAL A 375 -50.25 72.53 22.15
CA VAL A 375 -51.72 72.68 22.00
C VAL A 375 -52.26 73.60 23.10
N TYR A 376 -51.63 73.61 24.27
CA TYR A 376 -52.01 74.53 25.36
C TYR A 376 -51.65 75.97 24.99
N MET A 377 -50.63 76.11 24.16
CA MET A 377 -50.17 77.42 23.65
C MET A 377 -51.04 77.77 22.45
N LYS A 378 -51.45 76.76 21.67
CA LYS A 378 -52.45 76.93 20.57
C LYS A 378 -53.77 77.49 21.08
N PHE A 379 -54.06 77.21 22.34
CA PHE A 379 -55.25 77.68 23.11
C PHE A 379 -55.06 79.13 23.55
N VAL A 380 -53.90 79.41 24.15
CA VAL A 380 -53.55 80.79 24.62
C VAL A 380 -53.54 81.75 23.44
N ALA A 381 -52.61 81.57 22.49
CA ALA A 381 -52.49 82.41 21.29
C ALA A 381 -53.79 82.31 20.47
N SER A 382 -54.85 82.90 20.98
CA SER A 382 -56.22 82.80 20.43
C SER A 382 -57.18 83.47 21.41
N ASN A 383 -57.15 83.05 22.68
CA ASN A 383 -58.20 83.38 23.68
C ASN A 383 -57.68 84.39 24.71
N GLN A 384 -57.15 85.53 24.25
CA GLN A 384 -56.82 86.69 25.12
C GLN A 384 -55.83 86.25 26.21
N GLN B 1 18.86 16.76 -26.35
CA GLN B 1 18.31 17.96 -25.62
C GLN B 1 17.98 19.04 -26.63
N LEU B 2 16.72 19.51 -26.59
CA LEU B 2 16.23 20.62 -27.44
C LEU B 2 16.79 21.95 -26.96
N LEU B 3 17.07 22.80 -27.92
CA LEU B 3 17.51 24.20 -27.72
C LEU B 3 16.45 25.14 -28.27
N PHE B 4 16.43 26.37 -27.77
CA PHE B 4 15.36 27.34 -28.07
C PHE B 4 15.92 28.64 -28.61
N ASN B 5 15.03 29.41 -29.21
CA ASN B 5 15.18 30.88 -29.42
C ASN B 5 14.88 31.58 -28.09
N LYS B 6 15.91 31.71 -27.27
CA LYS B 6 15.81 32.24 -25.89
C LYS B 6 15.16 33.61 -25.93
N THR B 7 14.11 33.80 -25.12
CA THR B 7 13.36 35.07 -24.95
C THR B 7 13.17 35.34 -23.45
N LYS B 8 13.77 36.41 -22.96
CA LYS B 8 13.72 36.75 -21.51
C LYS B 8 12.27 36.98 -21.05
N SER B 9 11.55 37.86 -21.74
CA SER B 9 10.20 38.29 -21.31
C SER B 9 9.42 38.98 -22.42
N VAL B 10 8.12 39.15 -22.21
CA VAL B 10 7.22 39.87 -23.15
C VAL B 10 6.27 40.79 -22.38
N GLU B 11 6.04 41.99 -22.91
CA GLU B 11 5.08 42.97 -22.37
C GLU B 11 3.87 43.06 -23.27
N PHE B 12 2.69 43.18 -22.65
CA PHE B 12 1.38 43.35 -23.33
C PHE B 12 0.61 44.48 -22.65
N THR B 13 -0.21 45.18 -23.44
CA THR B 13 -0.90 46.42 -23.03
C THR B 13 -2.41 46.20 -23.08
N PHE B 14 -3.18 47.15 -22.53
CA PHE B 14 -4.67 47.08 -22.52
C PHE B 14 -5.18 46.78 -23.94
N CYS B 15 -4.66 47.55 -24.88
CA CYS B 15 -4.84 47.34 -26.34
C CYS B 15 -3.85 46.31 -26.90
N ASN B 16 -4.10 45.03 -26.58
CA ASN B 16 -3.39 43.89 -27.22
C ASN B 16 -4.36 42.74 -27.51
N ASP B 17 -5.58 42.81 -27.01
CA ASP B 17 -6.68 41.86 -27.33
C ASP B 17 -6.21 40.41 -27.25
N THR B 18 -5.45 39.96 -28.25
CA THR B 18 -4.89 38.59 -28.29
C THR B 18 -3.42 38.60 -27.86
N VAL B 19 -3.06 37.74 -26.92
CA VAL B 19 -1.75 37.69 -26.24
C VAL B 19 -1.01 36.43 -26.68
N VAL B 20 0.30 36.57 -26.93
CA VAL B 20 1.19 35.53 -27.50
C VAL B 20 2.46 35.40 -26.67
N ILE B 21 2.72 34.19 -26.16
CA ILE B 21 3.97 33.83 -25.45
C ILE B 21 4.84 32.95 -26.36
N PRO B 22 6.02 33.44 -26.74
CA PRO B 22 6.85 32.78 -27.75
C PRO B 22 7.60 31.54 -27.26
N CYS B 23 7.60 30.49 -28.06
CA CYS B 23 8.40 29.28 -27.77
C CYS B 23 8.82 28.68 -29.11
N PHE B 24 10.10 28.82 -29.41
CA PHE B 24 10.66 28.38 -30.71
C PHE B 24 11.76 27.34 -30.49
N VAL B 25 11.52 26.13 -31.01
CA VAL B 25 12.54 25.06 -30.97
C VAL B 25 13.40 25.13 -32.24
N THR B 26 14.71 25.30 -32.05
CA THR B 26 15.65 25.56 -33.16
C THR B 26 16.10 24.27 -33.83
N ASN B 27 16.03 23.16 -33.09
CA ASN B 27 16.45 21.83 -33.60
C ASN B 27 15.38 20.75 -33.40
N MET B 28 14.15 21.04 -33.82
CA MET B 28 13.03 20.07 -33.82
C MET B 28 13.17 19.12 -35.01
N GLU B 29 12.92 17.83 -34.79
CA GLU B 29 13.26 16.77 -35.77
C GLU B 29 11.99 15.99 -36.14
N ALA B 30 10.90 16.23 -35.42
CA ALA B 30 9.61 15.55 -35.65
C ALA B 30 9.14 15.71 -37.08
N GLN B 31 8.40 14.72 -37.55
CA GLN B 31 7.79 14.69 -38.90
C GLN B 31 6.30 14.38 -38.81
N ASN B 32 5.76 14.22 -37.60
CA ASN B 32 4.28 14.29 -37.39
C ASN B 32 4.02 14.62 -35.90
N THR B 33 2.89 15.27 -35.67
CA THR B 33 2.45 15.67 -34.31
C THR B 33 2.34 14.45 -33.40
N THR B 34 2.16 13.26 -33.97
CA THR B 34 2.12 11.96 -33.28
C THR B 34 3.33 11.82 -32.36
N GLU B 35 4.47 12.33 -32.79
CA GLU B 35 5.78 12.21 -32.14
C GLU B 35 5.92 13.19 -30.97
N VAL B 36 5.01 14.15 -30.90
CA VAL B 36 5.18 15.41 -30.13
C VAL B 36 4.19 15.49 -28.97
N TYR B 37 4.61 16.11 -27.89
CA TYR B 37 3.76 16.49 -26.74
C TYR B 37 4.20 17.84 -26.24
N VAL B 38 3.28 18.79 -26.13
CA VAL B 38 3.60 20.12 -25.57
C VAL B 38 2.81 20.38 -24.31
N LYS B 39 3.51 20.68 -23.23
CA LYS B 39 2.95 21.07 -21.93
C LYS B 39 3.39 22.49 -21.56
N TRP B 40 2.41 23.37 -21.50
CA TRP B 40 2.51 24.74 -20.94
C TRP B 40 2.12 24.72 -19.46
N LYS B 41 3.05 25.19 -18.64
CA LYS B 41 2.89 25.29 -17.17
C LYS B 41 2.92 26.76 -16.74
N PHE B 42 2.12 27.09 -15.74
CA PHE B 42 2.16 28.40 -15.02
C PHE B 42 1.99 28.18 -13.52
N LYS B 43 2.98 28.62 -12.75
CA LYS B 43 2.95 28.63 -11.28
C LYS B 43 2.81 27.21 -10.75
N GLY B 44 3.40 26.25 -11.47
CA GLY B 44 3.50 24.85 -11.03
C GLY B 44 2.33 24.00 -11.47
N ARG B 45 1.37 24.61 -12.14
CA ARG B 45 0.19 23.91 -12.73
C ARG B 45 0.38 23.73 -14.24
N ASP B 46 -0.26 22.69 -14.76
CA ASP B 46 -0.36 22.40 -16.22
C ASP B 46 -1.55 23.15 -16.77
N ILE B 47 -1.29 24.22 -17.50
CA ILE B 47 -2.33 25.18 -17.97
C ILE B 47 -2.65 24.96 -19.45
N TYR B 48 -1.78 24.27 -20.18
CA TYR B 48 -2.14 23.83 -21.55
C TYR B 48 -1.39 22.56 -21.93
N THR B 49 -2.11 21.56 -22.42
CA THR B 49 -1.47 20.31 -22.90
C THR B 49 -1.97 19.94 -24.28
N PHE B 50 -1.04 19.77 -25.21
CA PHE B 50 -1.28 19.15 -26.52
C PHE B 50 -0.62 17.78 -26.59
N ASP B 51 -1.45 16.73 -26.63
CA ASP B 51 -1.05 15.36 -26.96
C ASP B 51 -1.18 15.17 -28.47
N GLY B 52 -0.05 15.01 -29.13
CA GLY B 52 0.05 14.87 -30.58
C GLY B 52 -0.58 13.58 -31.07
N ALA B 53 -0.44 12.52 -30.29
CA ALA B 53 -0.90 11.16 -30.64
C ALA B 53 -2.40 11.12 -30.80
N LEU B 54 -3.15 11.75 -29.89
CA LEU B 54 -4.62 11.79 -29.88
C LEU B 54 -5.14 13.16 -30.29
N ASN B 55 -4.24 14.05 -30.67
CA ASN B 55 -4.59 15.43 -31.06
C ASN B 55 -5.62 16.00 -30.08
N LYS B 56 -5.31 15.88 -28.78
CA LYS B 56 -6.18 16.28 -27.65
C LYS B 56 -5.59 17.50 -26.95
N SER B 57 -6.08 18.68 -27.32
CA SER B 57 -5.81 19.94 -26.60
C SER B 57 -6.70 20.03 -25.36
N THR B 58 -6.06 20.17 -24.20
CA THR B 58 -6.72 20.11 -22.88
C THR B 58 -6.19 21.25 -22.00
N VAL B 59 -7.11 22.01 -21.42
CA VAL B 59 -6.79 23.23 -20.64
C VAL B 59 -7.68 23.25 -19.42
N PRO B 60 -7.24 23.92 -18.32
CA PRO B 60 -8.09 24.12 -17.15
C PRO B 60 -9.21 25.13 -17.43
N THR B 61 -10.19 25.18 -16.51
CA THR B 61 -11.43 25.98 -16.67
C THR B 61 -11.10 27.48 -16.65
N ASP B 62 -9.94 27.85 -16.10
CA ASP B 62 -9.58 29.28 -15.93
C ASP B 62 -8.62 29.73 -17.03
N PHE B 63 -8.40 28.90 -18.04
CA PHE B 63 -7.62 29.30 -19.24
C PHE B 63 -8.32 28.81 -20.49
N SER B 64 -9.65 28.69 -20.45
CA SER B 64 -10.45 27.98 -21.47
C SER B 64 -10.16 28.43 -22.90
N SER B 65 -9.50 29.59 -23.06
CA SER B 65 -9.31 30.28 -24.35
C SER B 65 -7.97 29.92 -24.99
N ALA B 66 -7.08 29.35 -24.20
CA ALA B 66 -5.68 29.06 -24.55
C ALA B 66 -5.58 28.04 -25.68
N LYS B 67 -4.56 28.21 -26.52
CA LYS B 67 -4.33 27.41 -27.75
C LYS B 67 -2.87 27.59 -28.18
N ILE B 68 -2.33 26.65 -28.94
CA ILE B 68 -1.21 26.90 -29.90
C ILE B 68 -1.69 26.51 -31.28
N GLU B 69 -1.11 27.12 -32.31
CA GLU B 69 -1.43 26.74 -33.71
C GLU B 69 -0.70 25.43 -34.04
N VAL B 70 -1.47 24.34 -34.09
CA VAL B 70 -0.98 22.96 -34.37
C VAL B 70 -0.18 22.99 -35.68
N SER B 71 -0.75 23.66 -36.68
CA SER B 71 -0.18 23.82 -38.05
C SER B 71 1.33 24.08 -38.01
N GLN B 72 1.77 24.97 -37.11
CA GLN B 72 3.14 25.50 -37.10
C GLN B 72 4.02 24.70 -36.12
N LEU B 73 3.47 23.69 -35.46
CA LEU B 73 4.15 22.98 -34.34
C LEU B 73 5.44 22.33 -34.85
N LEU B 74 5.32 21.63 -35.97
CA LEU B 74 6.40 20.78 -36.53
C LEU B 74 7.53 21.64 -37.09
N LYS B 75 7.24 22.92 -37.32
CA LYS B 75 8.24 23.94 -37.69
C LYS B 75 9.08 24.34 -36.48
N GLY B 76 8.54 24.09 -35.28
CA GLY B 76 9.21 24.49 -34.03
C GLY B 76 8.47 25.59 -33.31
N ASP B 77 7.30 25.97 -33.82
CA ASP B 77 6.45 27.04 -33.24
C ASP B 77 5.47 26.45 -32.23
N ALA B 78 5.87 26.48 -30.97
CA ALA B 78 5.13 25.93 -29.82
C ALA B 78 4.61 27.11 -28.99
N SER B 79 4.50 28.28 -29.62
CA SER B 79 4.04 29.51 -28.96
C SER B 79 2.60 29.40 -28.48
N LEU B 80 2.33 29.99 -27.32
CA LEU B 80 1.00 29.93 -26.66
C LEU B 80 0.17 31.18 -26.99
N LYS B 81 -1.10 30.96 -27.32
CA LYS B 81 -2.08 32.03 -27.63
C LYS B 81 -3.19 32.03 -26.57
N MET B 82 -3.53 33.21 -26.05
CA MET B 82 -4.66 33.34 -25.10
C MET B 82 -5.29 34.73 -25.20
N ASP B 83 -6.53 34.85 -24.72
CA ASP B 83 -7.28 36.11 -24.56
C ASP B 83 -6.56 37.09 -23.66
N LYS B 84 -6.95 38.35 -23.74
CA LYS B 84 -6.43 39.43 -22.87
C LYS B 84 -6.93 39.19 -21.44
N SER B 85 -8.20 38.82 -21.33
CA SER B 85 -8.90 38.66 -20.03
C SER B 85 -8.28 37.56 -19.16
N ASP B 86 -7.84 36.47 -19.77
CA ASP B 86 -7.11 35.36 -19.11
C ASP B 86 -5.70 35.82 -18.76
N ALA B 87 -5.00 36.42 -19.73
CA ALA B 87 -3.58 36.78 -19.61
C ALA B 87 -3.34 37.77 -18.47
N VAL B 88 -4.15 38.83 -18.46
CA VAL B 88 -4.06 39.94 -17.48
C VAL B 88 -3.95 39.40 -16.05
N SER B 89 -4.77 38.41 -15.73
CA SER B 89 -4.92 37.87 -14.37
C SER B 89 -3.76 36.91 -14.04
N HIS B 90 -3.06 36.49 -15.09
CA HIS B 90 -1.99 35.49 -15.00
C HIS B 90 -0.67 36.01 -15.55
N THR B 91 -0.11 37.02 -14.90
CA THR B 91 1.24 37.54 -15.24
C THR B 91 2.29 36.86 -14.36
N GLY B 92 3.22 36.16 -14.99
CA GLY B 92 4.29 35.47 -14.24
C GLY B 92 5.29 34.75 -15.14
N ASN B 93 5.99 33.74 -14.60
CA ASN B 93 7.02 32.94 -15.31
C ASN B 93 6.34 31.67 -15.88
N TYR B 94 5.88 31.73 -17.13
CA TYR B 94 5.37 30.59 -17.96
C TYR B 94 6.54 29.68 -18.34
N THR B 95 6.25 28.37 -18.36
CA THR B 95 7.19 27.30 -18.75
C THR B 95 6.61 26.53 -19.93
N CYS B 96 7.46 26.38 -20.95
CA CYS B 96 7.17 25.62 -22.19
C CYS B 96 8.03 24.34 -22.18
N GLU B 97 7.34 23.20 -22.12
CA GLU B 97 7.97 21.86 -22.17
C GLU B 97 7.52 21.17 -23.44
N VAL B 98 8.48 20.85 -24.30
CA VAL B 98 8.23 20.20 -25.62
C VAL B 98 8.97 18.87 -25.64
N THR B 99 8.28 17.83 -26.06
CA THR B 99 8.83 16.46 -26.03
C THR B 99 8.64 15.78 -27.39
N GLU B 100 9.76 15.22 -27.89
CA GLU B 100 9.79 14.35 -29.08
C GLU B 100 9.91 12.91 -28.62
N LEU B 101 10.33 12.05 -29.53
CA LEU B 101 10.53 10.61 -29.24
C LEU B 101 11.62 10.40 -28.19
N THR B 102 12.82 10.89 -28.45
CA THR B 102 14.00 10.58 -27.60
C THR B 102 14.71 11.84 -27.13
N ARG B 103 14.23 13.00 -27.53
CA ARG B 103 14.76 14.28 -27.01
C ARG B 103 13.60 15.12 -26.51
N GLU B 104 13.90 15.86 -25.45
CA GLU B 104 12.97 16.77 -24.78
C GLU B 104 13.69 18.09 -24.58
N GLY B 105 12.91 19.13 -24.28
CA GLY B 105 13.46 20.43 -23.87
C GLY B 105 12.41 21.33 -23.24
N GLU B 106 12.86 22.29 -22.46
CA GLU B 106 11.91 23.23 -21.82
C GLU B 106 12.60 24.57 -21.68
N THR B 107 11.79 25.62 -21.71
CA THR B 107 12.31 26.99 -21.59
C THR B 107 11.29 27.84 -20.85
N ILE B 108 11.74 28.97 -20.31
CA ILE B 108 11.00 29.81 -19.32
C ILE B 108 10.85 31.21 -19.89
N ILE B 109 9.62 31.71 -19.96
CA ILE B 109 9.36 33.11 -20.43
C ILE B 109 8.48 33.82 -19.42
N GLU B 110 8.91 34.97 -18.89
CA GLU B 110 8.09 35.80 -17.97
C GLU B 110 7.10 36.66 -18.77
N LEU B 111 5.83 36.62 -18.38
CA LEU B 111 4.80 37.54 -18.91
C LEU B 111 4.64 38.75 -17.99
N LYS B 112 4.91 39.94 -18.54
CA LYS B 112 4.87 41.27 -17.85
C LYS B 112 3.81 42.19 -18.46
N TYR B 113 3.18 43.01 -17.63
CA TYR B 113 2.12 43.96 -18.05
C TYR B 113 2.54 45.42 -17.82
N ARG B 114 2.23 46.30 -18.79
CA ARG B 114 2.51 47.75 -18.74
C ARG B 114 1.21 48.53 -19.03
N VAL B 115 0.84 49.39 -18.08
CA VAL B 115 -0.37 50.26 -18.16
C VAL B 115 -0.02 51.69 -18.61
N VAL B 116 -0.55 52.05 -19.78
CA VAL B 116 -0.32 53.37 -20.45
C VAL B 116 -1.64 54.15 -20.61
N SER B 117 -2.60 53.57 -21.33
CA SER B 117 -3.91 54.18 -21.67
C SER B 117 -3.71 55.64 -22.09
N GLU C 1 12.25 1.71 29.99
CA GLU C 1 11.06 2.18 29.23
C GLU C 1 9.81 1.62 29.94
N VAL C 2 8.75 1.42 29.17
CA VAL C 2 7.61 0.55 29.53
C VAL C 2 8.01 -0.89 29.35
N LYS C 3 7.51 -1.78 30.20
CA LYS C 3 7.71 -3.25 30.06
C LYS C 3 6.46 -4.00 30.52
N LEU C 4 5.94 -4.87 29.65
CA LEU C 4 4.78 -5.72 29.98
C LEU C 4 5.18 -7.19 29.92
N VAL C 5 4.68 -7.95 30.88
CA VAL C 5 5.11 -9.35 31.16
C VAL C 5 3.89 -10.24 31.36
N GLU C 6 3.59 -11.09 30.39
CA GLU C 6 2.53 -12.09 30.60
C GLU C 6 3.13 -13.37 31.16
N SER C 7 2.34 -14.05 31.98
CA SER C 7 2.61 -15.41 32.48
C SER C 7 1.30 -16.15 32.76
N GLY C 8 1.34 -17.47 32.83
CA GLY C 8 0.16 -18.29 33.21
C GLY C 8 -0.29 -19.23 32.10
N GLY C 9 0.28 -19.04 30.92
CA GLY C 9 0.15 -19.97 29.81
C GLY C 9 0.70 -21.33 30.16
N ASP C 10 0.04 -22.34 29.63
CA ASP C 10 0.30 -23.76 29.95
C ASP C 10 -0.43 -24.64 28.94
N LEU C 11 -0.10 -25.93 28.93
CA LEU C 11 -0.97 -26.98 28.38
C LEU C 11 -2.14 -27.14 29.33
N VAL C 12 -3.35 -27.23 28.79
CA VAL C 12 -4.59 -27.48 29.57
C VAL C 12 -5.42 -28.50 28.82
N LYS C 13 -6.21 -29.25 29.56
CA LYS C 13 -7.23 -30.17 29.00
C LYS C 13 -8.31 -29.28 28.38
N PRO C 14 -8.96 -29.70 27.28
CA PRO C 14 -10.11 -28.95 26.78
C PRO C 14 -11.19 -28.92 27.85
N GLY C 15 -11.80 -27.74 28.01
CA GLY C 15 -12.86 -27.46 28.97
C GLY C 15 -12.28 -26.90 30.25
N GLY C 16 -10.96 -26.98 30.39
CA GLY C 16 -10.22 -26.48 31.54
C GLY C 16 -10.30 -24.97 31.66
N SER C 17 -9.52 -24.40 32.55
CA SER C 17 -9.48 -22.93 32.73
C SER C 17 -8.07 -22.49 33.12
N LEU C 18 -7.68 -21.29 32.62
CA LEU C 18 -6.36 -20.68 32.91
C LEU C 18 -6.59 -19.22 33.30
N LYS C 19 -5.83 -18.74 34.27
CA LYS C 19 -5.82 -17.30 34.66
C LYS C 19 -4.46 -16.73 34.30
N LEU C 20 -4.45 -15.76 33.39
CA LEU C 20 -3.24 -15.13 32.83
C LEU C 20 -2.97 -13.83 33.58
N SER C 21 -1.71 -13.62 33.94
CA SER C 21 -1.26 -12.39 34.64
C SER C 21 -0.34 -11.60 33.74
N CYS C 22 -0.40 -10.28 33.86
CA CYS C 22 0.38 -9.30 33.08
C CYS C 22 0.88 -8.22 34.02
N ALA C 23 2.20 -8.20 34.21
CA ALA C 23 2.88 -7.26 35.11
C ALA C 23 3.29 -6.02 34.33
N ALA C 24 2.75 -4.86 34.71
CA ALA C 24 3.03 -3.56 34.07
C ALA C 24 4.06 -2.80 34.91
N SER C 25 4.92 -2.11 34.21
CA SER C 25 6.16 -1.48 34.73
C SER C 25 6.52 -0.29 33.86
N GLY C 26 6.91 0.84 34.45
CA GLY C 26 7.48 1.96 33.67
C GLY C 26 6.45 2.93 33.13
N PHE C 27 5.30 3.02 33.79
CA PHE C 27 4.28 4.06 33.51
C PHE C 27 3.21 4.01 34.60
N THR C 28 2.31 4.98 34.56
CA THR C 28 1.17 5.03 35.50
C THR C 28 0.13 4.00 35.08
N PHE C 29 0.25 2.79 35.62
CA PHE C 29 -0.60 1.65 35.21
C PHE C 29 -2.06 2.08 35.21
N SER C 30 -2.47 2.68 36.32
CA SER C 30 -3.91 3.01 36.52
C SER C 30 -4.36 4.18 35.66
N GLY C 31 -3.44 4.71 34.87
CA GLY C 31 -3.68 5.82 33.94
C GLY C 31 -4.22 5.44 32.58
N TYR C 32 -4.06 4.18 32.18
CA TYR C 32 -4.28 3.72 30.79
C TYR C 32 -5.24 2.52 30.73
N GLY C 33 -5.97 2.45 29.63
CA GLY C 33 -6.76 1.27 29.27
C GLY C 33 -5.84 0.14 28.92
N MET C 34 -6.26 -1.09 29.11
CA MET C 34 -5.40 -2.23 28.76
C MET C 34 -6.21 -3.23 27.95
N SER C 35 -5.54 -4.11 27.26
CA SER C 35 -6.19 -5.08 26.34
C SER C 35 -5.49 -6.42 26.34
N TRP C 36 -6.25 -7.42 25.89
CA TRP C 36 -5.72 -8.77 25.57
C TRP C 36 -5.95 -9.08 24.09
N VAL C 37 -4.89 -9.49 23.44
CA VAL C 37 -4.91 -9.91 22.02
C VAL C 37 -4.21 -11.25 21.90
N ARG C 38 -4.82 -12.19 21.21
CA ARG C 38 -4.16 -13.49 21.01
C ARG C 38 -3.71 -13.64 19.55
N GLN C 39 -2.72 -14.50 19.36
CA GLN C 39 -2.17 -14.78 18.01
C GLN C 39 -2.17 -16.28 17.78
N THR C 40 -3.12 -16.74 16.97
CA THR C 40 -3.34 -18.13 16.56
C THR C 40 -2.07 -18.63 15.91
N PRO C 41 -1.76 -19.94 15.91
CA PRO C 41 -0.57 -20.44 15.21
C PRO C 41 -0.60 -20.20 13.68
N ASP C 42 -1.76 -19.81 13.13
CA ASP C 42 -1.85 -19.40 11.70
C ASP C 42 -1.32 -17.98 11.53
N LYS C 43 -0.89 -17.39 12.64
CA LYS C 43 -0.16 -16.11 12.75
C LYS C 43 -1.10 -14.91 12.55
N ARG C 44 -2.41 -15.14 12.60
CA ARG C 44 -3.40 -14.04 12.59
C ARG C 44 -3.59 -13.49 13.99
N LEU C 45 -3.96 -12.22 14.08
CA LEU C 45 -4.08 -11.50 15.37
C LEU C 45 -5.56 -11.21 15.68
N GLU C 46 -6.00 -11.53 16.89
CA GLU C 46 -7.42 -11.36 17.27
C GLU C 46 -7.48 -10.69 18.63
N TRP C 47 -8.12 -9.52 18.66
CA TRP C 47 -8.42 -8.80 19.91
C TRP C 47 -9.47 -9.61 20.68
N VAL C 48 -9.17 -9.94 21.93
CA VAL C 48 -10.06 -10.75 22.80
C VAL C 48 -10.67 -9.95 23.97
N ALA C 49 -10.06 -8.86 24.40
CA ALA C 49 -10.57 -8.15 25.57
C ALA C 49 -9.90 -6.79 25.77
N THR C 50 -10.60 -5.99 26.56
CA THR C 50 -10.27 -4.58 26.80
C THR C 50 -10.91 -4.12 28.09
N ILE C 51 -10.12 -3.48 28.92
CA ILE C 51 -10.60 -2.86 30.19
C ILE C 51 -10.19 -1.39 30.21
N THR C 52 -11.08 -0.57 30.74
CA THR C 52 -10.85 0.86 31.03
C THR C 52 -9.85 1.00 32.16
N SER C 53 -9.14 2.12 32.22
CA SER C 53 -8.12 2.48 33.21
C SER C 53 -8.57 2.19 34.64
N GLY C 54 -9.87 2.39 34.86
CA GLY C 54 -10.52 2.37 36.18
C GLY C 54 -11.01 0.99 36.55
N GLY C 55 -11.02 0.10 35.57
CA GLY C 55 -11.43 -1.29 35.78
C GLY C 55 -12.93 -1.43 35.82
N THR C 56 -13.66 -0.31 35.71
CA THR C 56 -15.13 -0.33 35.87
C THR C 56 -15.77 -1.02 34.68
N TYR C 57 -15.35 -0.66 33.49
CA TYR C 57 -15.97 -1.11 32.22
C TYR C 57 -15.04 -1.97 31.39
N THR C 58 -15.60 -3.06 30.85
CA THR C 58 -14.89 -4.10 30.08
C THR C 58 -15.55 -4.24 28.72
N TYR C 59 -14.81 -4.77 27.77
CA TYR C 59 -15.29 -4.96 26.37
C TYR C 59 -14.66 -6.21 25.78
N TYR C 60 -15.47 -6.92 25.01
CA TYR C 60 -15.08 -8.21 24.40
C TYR C 60 -15.71 -8.30 23.02
N PRO C 61 -15.10 -9.10 22.11
CA PRO C 61 -15.77 -9.49 20.86
C PRO C 61 -16.77 -10.60 21.10
N ASP C 62 -17.71 -10.76 20.18
CA ASP C 62 -18.75 -11.82 20.24
C ASP C 62 -18.12 -13.17 19.91
N SER C 63 -16.88 -13.13 19.40
CA SER C 63 -16.14 -14.32 18.95
C SER C 63 -15.95 -15.36 20.06
N VAL C 64 -15.76 -14.91 21.31
CA VAL C 64 -15.34 -15.79 22.44
C VAL C 64 -16.46 -15.92 23.46
N LYS C 65 -17.69 -15.79 22.99
CA LYS C 65 -18.93 -16.30 23.65
C LYS C 65 -18.85 -16.13 25.19
N GLY C 66 -18.34 -14.99 25.65
CA GLY C 66 -18.31 -14.58 27.08
C GLY C 66 -17.54 -15.51 27.97
N ARG C 67 -16.47 -16.09 27.46
CA ARG C 67 -15.70 -17.09 28.24
C ARG C 67 -14.50 -16.44 28.90
N PHE C 68 -14.12 -15.25 28.42
CA PHE C 68 -12.96 -14.49 28.92
C PHE C 68 -13.48 -13.39 29.85
N THR C 69 -12.77 -13.19 30.93
CA THR C 69 -13.10 -12.17 31.95
C THR C 69 -11.81 -11.46 32.29
N ILE C 70 -11.74 -10.19 31.91
CA ILE C 70 -10.60 -9.29 32.19
C ILE C 70 -10.79 -8.56 33.51
N SER C 71 -9.71 -8.28 34.20
CA SER C 71 -9.68 -7.47 35.43
C SER C 71 -8.31 -6.83 35.58
N ARG C 72 -8.20 -5.93 36.54
CA ARG C 72 -6.93 -5.22 36.83
C ARG C 72 -6.88 -4.80 38.31
N ASP C 73 -5.78 -5.20 38.95
CA ASP C 73 -5.45 -4.81 40.33
C ASP C 73 -4.53 -3.60 40.28
N ASN C 74 -5.11 -2.43 40.41
CA ASN C 74 -4.38 -1.17 40.14
C ASN C 74 -3.28 -0.96 41.18
N ALA C 75 -3.40 -1.62 42.33
CA ALA C 75 -2.44 -1.52 43.44
C ALA C 75 -1.16 -2.29 43.15
N LYS C 76 -1.32 -3.48 42.57
CA LYS C 76 -0.22 -4.43 42.34
C LYS C 76 0.34 -4.24 40.94
N ASN C 77 -0.24 -3.34 40.15
CA ASN C 77 0.21 -3.03 38.78
C ASN C 77 0.10 -4.25 37.87
N THR C 78 -0.96 -5.02 38.09
CA THR C 78 -1.22 -6.32 37.45
C THR C 78 -2.56 -6.25 36.74
N LEU C 79 -2.50 -6.62 35.47
CA LEU C 79 -3.67 -6.90 34.60
C LEU C 79 -3.88 -8.41 34.52
N TYR C 80 -5.13 -8.83 34.52
CA TYR C 80 -5.48 -10.28 34.57
C TYR C 80 -6.45 -10.63 33.44
N LEU C 81 -6.34 -11.83 32.88
CA LEU C 81 -7.41 -12.41 32.04
C LEU C 81 -7.74 -13.84 32.46
N GLN C 82 -8.98 -14.04 32.90
CA GLN C 82 -9.53 -15.39 33.20
C GLN C 82 -10.15 -15.99 31.93
N ILE C 83 -9.52 -17.05 31.44
CA ILE C 83 -10.04 -17.78 30.25
C ILE C 83 -10.60 -19.11 30.74
N ASP C 84 -11.89 -19.30 30.44
CA ASP C 84 -12.69 -20.44 30.95
C ASP C 84 -13.24 -21.26 29.77
N SER C 85 -13.68 -22.48 30.06
CA SER C 85 -14.28 -23.44 29.11
C SER C 85 -13.45 -23.53 27.85
N LEU C 86 -12.13 -23.54 27.98
CA LEU C 86 -11.17 -23.52 26.85
C LEU C 86 -11.53 -24.58 25.80
N LYS C 87 -11.26 -24.24 24.55
CA LYS C 87 -11.51 -25.11 23.37
C LYS C 87 -10.20 -25.19 22.61
N SER C 88 -10.06 -26.15 21.70
CA SER C 88 -8.87 -26.32 20.84
C SER C 88 -8.59 -25.03 20.08
N GLU C 89 -9.68 -24.31 19.76
CA GLU C 89 -9.68 -23.06 18.97
C GLU C 89 -9.07 -21.89 19.74
N ASP C 90 -8.76 -22.10 21.03
CA ASP C 90 -8.22 -21.02 21.90
C ASP C 90 -6.71 -21.12 21.98
N THR C 91 -6.14 -22.29 21.63
CA THR C 91 -4.68 -22.47 21.52
C THR C 91 -4.10 -21.27 20.76
N ALA C 92 -3.26 -20.51 21.44
CA ALA C 92 -2.67 -19.28 20.89
C ALA C 92 -1.56 -18.74 21.78
N ILE C 93 -0.94 -17.64 21.33
CA ILE C 93 -0.09 -16.78 22.18
C ILE C 93 -0.96 -15.61 22.68
N TYR C 94 -0.93 -15.36 23.98
CA TYR C 94 -1.69 -14.24 24.56
C TYR C 94 -0.74 -13.10 24.92
N PHE C 95 -1.08 -11.94 24.35
CA PHE C 95 -0.43 -10.64 24.60
C PHE C 95 -1.34 -9.75 25.44
N CYS C 96 -0.78 -9.13 26.47
CA CYS C 96 -1.37 -7.92 27.08
C CYS C 96 -0.81 -6.74 26.32
N ALA C 97 -1.52 -5.63 26.37
CA ALA C 97 -1.11 -4.40 25.63
C ALA C 97 -1.72 -3.16 26.24
N ARG C 98 -0.93 -2.09 26.29
CA ARG C 98 -1.40 -0.76 26.75
C ARG C 98 -2.19 -0.10 25.63
N SER C 99 -3.43 0.29 25.92
CA SER C 99 -4.41 0.70 24.88
C SER C 99 -4.65 2.22 24.92
N LEU C 100 -4.56 2.84 23.74
CA LEU C 100 -4.96 4.25 23.53
C LEU C 100 -6.31 4.27 22.85
N ALA C 101 -6.81 5.47 22.56
CA ALA C 101 -8.13 5.67 21.93
C ALA C 101 -8.13 4.95 20.57
N GLY C 102 -9.28 4.45 20.15
CA GLY C 102 -9.38 3.62 18.94
C GLY C 102 -8.69 2.29 19.15
N ASN C 103 -8.44 1.95 20.43
CA ASN C 103 -7.73 0.73 20.85
C ASN C 103 -6.44 0.57 20.04
N ALA C 104 -5.72 1.68 19.89
CA ALA C 104 -4.34 1.68 19.40
C ALA C 104 -3.43 1.18 20.51
N MET C 105 -2.77 0.05 20.30
CA MET C 105 -1.98 -0.63 21.36
C MET C 105 -0.50 -0.35 21.15
N ASP C 106 0.02 0.62 21.91
CA ASP C 106 1.37 1.19 21.66
C ASP C 106 2.46 0.47 22.46
N TYR C 107 2.08 -0.44 23.32
CA TYR C 107 3.01 -1.38 23.97
C TYR C 107 2.39 -2.77 24.04
N TRP C 108 3.17 -3.76 23.62
CA TRP C 108 2.80 -5.18 23.73
C TRP C 108 3.81 -5.95 24.59
N GLY C 109 3.33 -6.98 25.26
CA GLY C 109 4.19 -7.93 25.98
C GLY C 109 4.78 -8.95 25.04
N GLN C 110 5.68 -9.78 25.59
CA GLN C 110 6.46 -10.79 24.83
C GLN C 110 5.56 -11.97 24.45
N GLY C 111 4.52 -12.20 25.24
CA GLY C 111 3.50 -13.25 24.97
C GLY C 111 3.59 -14.41 25.93
N THR C 112 2.46 -15.10 26.17
CA THR C 112 2.47 -16.39 26.92
C THR C 112 1.67 -17.43 26.15
N SER C 113 2.16 -18.67 26.13
CA SER C 113 1.62 -19.71 25.22
C SER C 113 0.58 -20.55 25.95
N VAL C 114 -0.63 -20.55 25.41
CA VAL C 114 -1.76 -21.42 25.84
C VAL C 114 -1.93 -22.49 24.76
N THR C 115 -1.95 -23.73 25.19
CA THR C 115 -2.19 -24.89 24.35
C THR C 115 -3.29 -25.71 24.99
N VAL C 116 -4.25 -26.09 24.18
CA VAL C 116 -5.42 -26.89 24.63
C VAL C 116 -5.49 -28.17 23.78
N SER C 117 -4.99 -29.27 24.36
CA SER C 117 -4.97 -30.61 23.74
C SER C 117 -5.54 -31.64 24.68
N SER C 118 -6.14 -32.67 24.09
CA SER C 118 -6.55 -33.93 24.75
C SER C 118 -5.31 -34.75 25.13
N ALA C 119 -4.21 -34.50 24.42
CA ALA C 119 -2.89 -35.04 24.75
C ALA C 119 -2.44 -34.55 26.12
N SER C 120 -1.71 -35.42 26.83
CA SER C 120 -0.89 -35.07 28.01
C SER C 120 0.51 -34.71 27.53
N THR C 121 1.18 -33.89 28.31
CA THR C 121 2.55 -33.39 28.05
C THR C 121 3.56 -34.53 28.14
N LYS C 122 4.47 -34.61 27.15
CA LYS C 122 5.66 -35.50 27.29
C LYS C 122 6.93 -34.68 27.13
N GLY C 123 7.89 -34.81 28.03
CA GLY C 123 9.06 -33.95 28.08
C GLY C 123 10.12 -34.35 27.05
N PRO C 124 10.92 -33.38 26.57
CA PRO C 124 11.95 -33.65 25.57
C PRO C 124 13.18 -34.41 26.10
N SER C 125 13.64 -35.39 25.32
CA SER C 125 14.98 -35.98 25.50
C SER C 125 15.97 -35.07 24.80
N VAL C 126 17.06 -34.68 25.48
CA VAL C 126 18.03 -33.71 24.89
C VAL C 126 19.34 -34.44 24.66
N PHE C 127 19.84 -34.32 23.43
CA PHE C 127 21.05 -35.03 22.98
C PHE C 127 22.05 -34.03 22.43
N PRO C 128 23.37 -34.27 22.63
CA PRO C 128 24.37 -33.39 22.07
C PRO C 128 24.63 -33.64 20.59
N LEU C 129 24.79 -32.55 19.86
CA LEU C 129 25.35 -32.53 18.50
C LEU C 129 26.78 -32.06 18.63
N ALA C 130 27.67 -33.04 18.79
CA ALA C 130 29.10 -32.82 19.03
C ALA C 130 29.72 -32.27 17.77
N PRO C 131 30.66 -31.29 17.88
CA PRO C 131 31.38 -30.79 16.71
C PRO C 131 32.43 -31.78 16.14
N SER C 132 32.55 -31.84 14.80
CA SER C 132 33.66 -32.51 14.05
C SER C 132 33.66 -32.08 12.57
N GLY C 139 38.47 -23.31 10.71
CA GLY C 139 38.55 -22.33 11.81
C GLY C 139 37.30 -22.26 12.65
N THR C 140 36.13 -22.49 12.05
CA THR C 140 34.82 -22.50 12.76
C THR C 140 34.30 -23.91 12.87
N ALA C 141 33.90 -24.29 14.08
CA ALA C 141 33.14 -25.51 14.39
C ALA C 141 31.68 -25.16 14.58
N ALA C 142 30.78 -26.10 14.28
CA ALA C 142 29.35 -25.99 14.61
C ALA C 142 28.98 -27.10 15.58
N LEU C 143 28.20 -26.76 16.62
CA LEU C 143 27.70 -27.74 17.61
C LEU C 143 26.27 -27.38 17.99
N GLY C 144 25.58 -28.29 18.65
CA GLY C 144 24.17 -28.00 19.02
C GLY C 144 23.49 -29.01 19.92
N CYS C 145 22.17 -28.94 19.90
CA CYS C 145 21.26 -29.76 20.72
C CYS C 145 20.20 -30.36 19.85
N LEU C 146 19.96 -31.64 20.02
CA LEU C 146 18.75 -32.31 19.48
C LEU C 146 17.76 -32.52 20.62
N VAL C 147 16.81 -31.60 20.71
CA VAL C 147 15.62 -31.69 21.61
C VAL C 147 14.55 -32.51 20.89
N LYS C 148 14.52 -33.80 21.17
CA LYS C 148 13.64 -34.77 20.46
C LYS C 148 12.50 -35.26 21.37
N ASP C 149 11.35 -35.48 20.73
CA ASP C 149 10.18 -36.24 21.27
C ASP C 149 9.55 -35.50 22.45
N TYR C 150 8.88 -34.41 22.16
CA TYR C 150 8.25 -33.57 23.21
C TYR C 150 6.91 -32.99 22.76
N PHE C 151 6.03 -32.74 23.70
CA PHE C 151 4.66 -32.28 23.44
C PHE C 151 4.05 -31.75 24.72
N PRO C 152 3.40 -30.56 24.64
CA PRO C 152 3.20 -29.81 23.39
C PRO C 152 4.34 -28.84 23.10
N GLU C 153 4.01 -27.73 22.44
CA GLU C 153 4.97 -26.68 22.07
C GLU C 153 4.79 -25.55 23.07
N PRO C 154 5.80 -24.66 23.26
CA PRO C 154 7.14 -24.82 22.71
C PRO C 154 8.17 -25.17 23.77
N VAL C 155 9.39 -25.43 23.28
CA VAL C 155 10.60 -25.52 24.13
C VAL C 155 11.41 -24.25 23.91
N THR C 156 12.09 -23.79 24.93
CA THR C 156 12.93 -22.59 24.87
C THR C 156 14.35 -23.10 25.09
N VAL C 157 15.25 -22.58 24.26
CA VAL C 157 16.70 -22.95 24.34
C VAL C 157 17.56 -21.69 24.37
N SER C 158 18.25 -21.51 25.48
CA SER C 158 19.36 -20.55 25.66
C SER C 158 20.67 -21.32 25.57
N TRP C 159 21.77 -20.60 25.41
CA TRP C 159 23.14 -21.17 25.42
C TRP C 159 23.97 -20.51 26.52
N ASN C 160 24.55 -21.35 27.38
CA ASN C 160 25.50 -20.94 28.44
C ASN C 160 24.81 -19.90 29.31
N SER C 161 23.56 -20.20 29.68
CA SER C 161 22.63 -19.39 30.51
C SER C 161 22.09 -18.17 29.77
N GLY C 162 22.34 -18.10 28.46
CA GLY C 162 21.92 -17.02 27.56
C GLY C 162 23.02 -16.02 27.35
N ALA C 163 24.26 -16.42 27.66
CA ALA C 163 25.47 -15.62 27.42
C ALA C 163 25.78 -15.65 25.93
N LEU C 164 25.60 -16.82 25.35
CA LEU C 164 25.92 -17.10 23.93
C LEU C 164 24.66 -16.93 23.07
N THR C 165 24.61 -15.82 22.33
CA THR C 165 23.43 -15.41 21.52
C THR C 165 23.87 -15.25 20.07
N SER C 166 25.06 -14.65 19.87
CA SER C 166 25.69 -14.46 18.55
C SER C 166 26.02 -15.81 17.89
N GLY C 167 25.33 -16.07 16.77
CA GLY C 167 25.57 -17.24 15.91
C GLY C 167 24.70 -18.42 16.27
N VAL C 168 23.57 -18.15 16.89
CA VAL C 168 22.66 -19.22 17.38
C VAL C 168 21.40 -19.27 16.51
N HIS C 169 21.14 -20.44 15.97
CA HIS C 169 19.90 -20.71 15.20
C HIS C 169 19.08 -21.80 15.87
N THR C 170 18.12 -21.40 16.69
CA THR C 170 17.10 -22.31 17.27
C THR C 170 16.01 -22.54 16.23
N PHE C 171 15.83 -23.78 15.85
CA PHE C 171 14.97 -24.13 14.69
C PHE C 171 13.50 -24.10 15.09
N PRO C 172 12.62 -23.74 14.13
CA PRO C 172 11.22 -24.12 14.16
C PRO C 172 11.05 -25.63 14.36
N ALA C 173 10.26 -25.98 15.37
CA ALA C 173 9.95 -27.39 15.69
C ALA C 173 9.07 -27.95 14.58
N VAL C 174 9.12 -29.25 14.42
CA VAL C 174 8.36 -29.96 13.35
C VAL C 174 7.56 -31.08 13.97
N LEU C 175 6.31 -31.21 13.53
CA LEU C 175 5.37 -32.25 14.03
C LEU C 175 5.67 -33.57 13.33
N GLN C 176 6.08 -34.57 14.13
CA GLN C 176 6.54 -35.88 13.64
C GLN C 176 5.34 -36.81 13.35
N SER C 177 5.61 -38.03 12.88
CA SER C 177 4.64 -39.12 12.64
C SER C 177 3.89 -39.46 13.93
N SER C 178 4.57 -39.39 15.09
CA SER C 178 4.06 -39.79 16.43
C SER C 178 3.12 -38.76 17.02
N GLY C 179 3.18 -37.52 16.52
CA GLY C 179 2.46 -36.38 17.10
C GLY C 179 3.25 -35.76 18.21
N LEU C 180 4.50 -36.20 18.38
CA LEU C 180 5.49 -35.47 19.21
C LEU C 180 6.27 -34.49 18.32
N TYR C 181 6.96 -33.57 18.97
CA TYR C 181 7.79 -32.54 18.33
C TYR C 181 9.26 -32.88 18.44
N SER C 182 9.99 -32.47 17.42
CA SER C 182 11.47 -32.56 17.37
C SER C 182 12.00 -31.20 16.96
N LEU C 183 13.12 -30.80 17.54
CA LEU C 183 13.72 -29.48 17.29
C LEU C 183 15.21 -29.57 17.54
N SER C 184 16.01 -28.85 16.78
CA SER C 184 17.46 -28.68 17.01
C SER C 184 17.80 -27.22 17.24
N SER C 185 18.75 -26.98 18.13
CA SER C 185 19.37 -25.66 18.32
C SER C 185 20.87 -25.79 18.14
N VAL C 186 21.38 -24.96 17.26
CA VAL C 186 22.80 -25.05 16.79
C VAL C 186 23.43 -23.67 16.93
N VAL C 187 24.74 -23.68 16.96
CA VAL C 187 25.57 -22.47 17.08
C VAL C 187 26.92 -22.79 16.47
N THR C 188 27.43 -21.85 15.69
CA THR C 188 28.78 -21.89 15.13
C THR C 188 29.67 -21.04 16.04
N VAL C 189 30.77 -21.65 16.48
CA VAL C 189 31.78 -21.04 17.41
C VAL C 189 33.17 -21.27 16.82
N PRO C 190 34.16 -20.42 17.19
CA PRO C 190 35.57 -20.70 16.89
C PRO C 190 35.99 -22.07 17.46
N SER C 191 36.67 -22.86 16.63
CA SER C 191 37.12 -24.24 16.94
C SER C 191 38.27 -24.19 17.94
N SER C 192 38.93 -23.03 18.07
CA SER C 192 40.08 -22.75 18.98
C SER C 192 39.64 -22.88 20.43
N SER C 193 38.37 -22.51 20.67
CA SER C 193 37.76 -22.33 22.01
C SER C 193 37.59 -23.65 22.77
N LEU C 194 37.25 -24.71 22.04
CA LEU C 194 36.82 -26.04 22.59
C LEU C 194 37.83 -26.50 23.64
N GLY C 195 37.39 -27.20 24.69
CA GLY C 195 38.24 -27.63 25.83
C GLY C 195 38.53 -26.46 26.75
N THR C 196 39.04 -25.34 26.20
CA THR C 196 39.31 -24.03 26.88
C THR C 196 38.08 -23.12 26.89
N GLN C 197 36.91 -23.75 26.93
CA GLN C 197 35.61 -23.04 27.03
C GLN C 197 34.47 -24.06 26.99
N THR C 198 33.54 -23.94 27.93
CA THR C 198 32.38 -24.84 28.12
C THR C 198 31.20 -24.38 27.30
N TYR C 199 30.60 -25.29 26.54
CA TYR C 199 29.36 -24.98 25.79
C TYR C 199 28.23 -25.86 26.30
N ILE C 200 27.24 -25.19 26.91
CA ILE C 200 26.06 -25.81 27.56
C ILE C 200 24.79 -25.28 26.89
N CYS C 201 23.84 -26.20 26.78
CA CYS C 201 22.60 -26.06 25.98
C CYS C 201 21.39 -26.19 26.88
N ASN C 202 20.70 -25.07 27.12
CA ASN C 202 19.69 -24.90 28.19
C ASN C 202 18.31 -25.08 27.57
N VAL C 203 17.83 -26.33 27.62
CA VAL C 203 16.45 -26.69 27.16
C VAL C 203 15.49 -26.59 28.32
N ASN C 204 14.47 -25.73 28.15
CA ASN C 204 13.31 -25.63 29.06
C ASN C 204 12.05 -25.95 28.29
N HIS C 205 11.38 -27.00 28.74
CA HIS C 205 10.02 -27.39 28.31
C HIS C 205 9.11 -27.23 29.51
N LYS C 206 8.39 -26.13 29.59
CA LYS C 206 7.64 -25.73 30.82
C LYS C 206 6.52 -26.72 31.15
N PRO C 207 5.70 -27.16 30.19
CA PRO C 207 4.55 -27.99 30.55
C PRO C 207 4.89 -29.34 31.21
N SER C 208 6.09 -29.85 31.02
CA SER C 208 6.52 -31.16 31.54
C SER C 208 7.54 -30.96 32.65
N ASN C 209 7.78 -29.70 33.03
CA ASN C 209 8.69 -29.40 34.17
C ASN C 209 10.03 -30.03 33.90
N THR C 210 10.48 -29.87 32.67
CA THR C 210 11.75 -30.43 32.14
C THR C 210 12.70 -29.27 31.86
N LYS C 211 13.81 -29.22 32.58
CA LYS C 211 14.96 -28.35 32.29
C LYS C 211 16.18 -29.27 32.22
N VAL C 212 16.71 -29.41 31.01
CA VAL C 212 18.02 -30.07 30.81
C VAL C 212 19.06 -29.00 30.47
N ASP C 213 20.16 -29.10 31.20
CA ASP C 213 21.39 -28.31 30.94
C ASP C 213 22.46 -29.26 30.40
N LYS C 214 22.56 -29.33 29.08
CA LYS C 214 23.37 -30.36 28.39
C LYS C 214 24.76 -29.80 28.09
N LYS C 215 25.74 -30.41 28.74
CA LYS C 215 27.18 -30.14 28.43
C LYS C 215 27.42 -30.71 27.03
N VAL C 216 27.61 -29.81 26.06
CA VAL C 216 27.83 -30.23 24.65
C VAL C 216 29.34 -30.31 24.42
N GLU C 217 29.80 -31.55 24.17
CA GLU C 217 31.23 -31.93 24.21
C GLU C 217 31.67 -32.63 22.92
N PRO C 218 32.89 -32.38 22.41
CA PRO C 218 33.50 -33.28 21.43
C PRO C 218 33.66 -34.74 21.93
N LYS C 219 33.21 -35.73 21.14
CA LYS C 219 33.09 -37.17 21.52
C LYS C 219 34.49 -37.80 21.67
N SER C 220 34.65 -38.71 22.64
CA SER C 220 35.92 -39.43 22.95
C SER C 220 36.24 -40.42 21.83
N GLU D 1 -7.83 -4.21 -35.95
CA GLU D 1 -7.02 -3.37 -35.04
C GLU D 1 -5.71 -3.02 -35.76
N VAL D 2 -4.75 -2.52 -34.98
CA VAL D 2 -3.31 -2.49 -35.33
C VAL D 2 -2.74 -3.88 -35.21
N LYS D 3 -1.85 -4.24 -36.10
CA LYS D 3 -1.11 -5.53 -36.01
C LYS D 3 0.34 -5.33 -36.48
N LEU D 4 1.31 -5.70 -35.64
CA LEU D 4 2.73 -5.63 -35.99
C LEU D 4 3.31 -7.03 -35.96
N VAL D 5 4.15 -7.30 -36.96
CA VAL D 5 4.72 -8.66 -37.24
C VAL D 5 6.23 -8.54 -37.45
N GLU D 6 7.04 -9.07 -36.54
CA GLU D 6 8.50 -9.17 -36.79
C GLU D 6 8.82 -10.53 -37.39
N SER D 7 9.91 -10.59 -38.17
CA SER D 7 10.51 -11.83 -38.71
C SER D 7 11.98 -11.58 -39.04
N GLY D 8 12.76 -12.65 -39.14
CA GLY D 8 14.19 -12.57 -39.49
C GLY D 8 15.11 -12.98 -38.34
N GLY D 9 14.51 -13.27 -37.20
CA GLY D 9 15.25 -13.91 -36.10
C GLY D 9 15.74 -15.29 -36.47
N ASP D 10 16.93 -15.61 -35.98
CA ASP D 10 17.65 -16.88 -36.33
C ASP D 10 18.80 -17.15 -35.38
N LEU D 11 19.28 -18.39 -35.38
CA LEU D 11 20.60 -18.72 -34.83
C LEU D 11 21.64 -18.18 -35.78
N VAL D 12 22.60 -17.46 -35.25
CA VAL D 12 23.67 -16.83 -36.07
C VAL D 12 24.99 -17.07 -35.37
N LYS D 13 26.08 -17.08 -36.16
CA LYS D 13 27.44 -17.17 -35.62
C LYS D 13 27.73 -15.81 -34.99
N PRO D 14 28.52 -15.72 -33.91
CA PRO D 14 28.89 -14.42 -33.37
C PRO D 14 29.72 -13.70 -34.42
N GLY D 15 29.52 -12.38 -34.54
CA GLY D 15 30.16 -11.53 -35.55
C GLY D 15 29.31 -11.41 -36.77
N GLY D 16 28.33 -12.32 -36.90
CA GLY D 16 27.42 -12.34 -38.05
C GLY D 16 26.54 -11.11 -38.10
N SER D 17 25.57 -11.13 -38.97
CA SER D 17 24.61 -10.02 -39.14
C SER D 17 23.24 -10.58 -39.51
N LEU D 18 22.18 -9.96 -38.97
CA LEU D 18 20.76 -10.31 -39.20
C LEU D 18 20.00 -9.02 -39.54
N LYS D 19 19.14 -9.07 -40.53
CA LYS D 19 18.19 -7.96 -40.81
C LYS D 19 16.78 -8.40 -40.41
N LEU D 20 16.20 -7.68 -39.45
CA LEU D 20 14.84 -7.90 -38.95
C LEU D 20 13.85 -7.04 -39.72
N SER D 21 12.75 -7.67 -40.15
CA SER D 21 11.63 -6.98 -40.81
C SER D 21 10.38 -6.98 -39.91
N CYS D 22 9.68 -5.86 -39.93
CA CYS D 22 8.46 -5.61 -39.14
C CYS D 22 7.39 -5.04 -40.08
N ALA D 23 6.37 -5.85 -40.33
CA ALA D 23 5.24 -5.50 -41.19
C ALA D 23 4.13 -4.85 -40.36
N ALA D 24 3.84 -3.58 -40.67
CA ALA D 24 2.79 -2.78 -40.00
C ALA D 24 1.53 -2.83 -40.85
N SER D 25 0.42 -2.80 -40.15
CA SER D 25 -0.95 -3.03 -40.66
C SER D 25 -1.95 -2.36 -39.73
N GLY D 26 -2.93 -1.65 -40.28
CA GLY D 26 -4.11 -1.20 -39.51
C GLY D 26 -3.97 0.19 -38.95
N PHE D 27 -3.12 1.00 -39.59
CA PHE D 27 -2.98 2.42 -39.29
C PHE D 27 -2.11 3.08 -40.36
N THR D 28 -2.02 4.39 -40.27
CA THR D 28 -1.15 5.20 -41.15
C THR D 28 0.31 4.97 -40.79
N PHE D 29 0.96 4.00 -41.40
CA PHE D 29 2.35 3.62 -41.02
C PHE D 29 3.22 4.87 -40.97
N SER D 30 3.15 5.65 -42.04
CA SER D 30 4.09 6.79 -42.24
C SER D 30 3.72 7.97 -41.37
N GLY D 31 2.69 7.85 -40.56
CA GLY D 31 2.25 8.90 -39.64
C GLY D 31 2.96 8.87 -38.31
N TYR D 32 3.51 7.72 -37.93
CA TYR D 32 4.01 7.48 -36.55
C TYR D 32 5.49 7.15 -36.55
N GLY D 33 6.15 7.55 -35.46
CA GLY D 33 7.50 7.09 -35.16
C GLY D 33 7.46 5.63 -34.79
N MET D 34 8.57 4.92 -34.96
CA MET D 34 8.60 3.49 -34.62
C MET D 34 9.85 3.18 -33.81
N SER D 35 9.88 2.04 -33.17
CA SER D 35 11.00 1.65 -32.28
C SER D 35 11.30 0.17 -32.37
N TRP D 36 12.52 -0.16 -31.95
CA TRP D 36 12.94 -1.55 -31.63
C TRP D 36 13.31 -1.64 -30.17
N VAL D 37 12.76 -2.65 -29.50
CA VAL D 37 13.07 -3.01 -28.09
C VAL D 37 13.33 -4.50 -28.00
N ARG D 38 14.39 -4.88 -27.31
CA ARG D 38 14.70 -6.31 -27.13
C ARG D 38 14.48 -6.71 -25.68
N GLN D 39 14.27 -8.00 -25.47
CA GLN D 39 14.05 -8.58 -24.12
C GLN D 39 14.99 -9.78 -23.98
N THR D 40 16.03 -9.58 -23.17
CA THR D 40 17.11 -10.51 -22.82
C THR D 40 16.46 -11.69 -22.14
N PRO D 41 17.06 -12.90 -22.14
CA PRO D 41 16.47 -14.03 -21.41
C PRO D 41 16.33 -13.79 -19.90
N ASP D 42 17.01 -12.78 -19.36
CA ASP D 42 16.84 -12.36 -17.95
C ASP D 42 15.51 -11.60 -17.80
N LYS D 43 14.80 -11.45 -18.91
CA LYS D 43 13.44 -10.91 -19.03
C LYS D 43 13.40 -9.39 -18.75
N ARG D 44 14.55 -8.74 -18.81
CA ARG D 44 14.62 -7.27 -18.78
C ARG D 44 14.33 -6.74 -20.17
N LEU D 45 13.84 -5.52 -20.26
CA LEU D 45 13.55 -4.82 -21.54
C LEU D 45 14.57 -3.71 -21.80
N GLU D 46 15.10 -3.68 -23.00
CA GLU D 46 16.07 -2.64 -23.39
C GLU D 46 15.66 -2.02 -24.73
N TRP D 47 15.44 -0.70 -24.73
CA TRP D 47 15.19 0.04 -25.99
C TRP D 47 16.48 0.07 -26.80
N VAL D 48 16.41 -0.38 -28.05
CA VAL D 48 17.60 -0.47 -28.94
C VAL D 48 17.58 0.53 -30.09
N ALA D 49 16.44 1.04 -30.49
CA ALA D 49 16.38 1.94 -31.65
C ALA D 49 15.02 2.61 -31.82
N THR D 50 15.05 3.69 -32.56
CA THR D 50 13.89 4.59 -32.76
C THR D 50 14.07 5.39 -34.03
N ILE D 51 13.06 5.41 -34.87
CA ILE D 51 13.06 6.19 -36.13
C ILE D 51 11.85 7.10 -36.16
N THR D 52 12.05 8.33 -36.67
CA THR D 52 10.97 9.30 -36.92
C THR D 52 10.08 8.81 -38.07
N SER D 53 8.84 9.31 -38.11
CA SER D 53 7.78 8.94 -39.07
C SER D 53 8.28 9.00 -40.51
N GLY D 54 9.20 9.94 -40.75
CA GLY D 54 9.68 10.27 -42.10
C GLY D 54 10.94 9.55 -42.44
N GLY D 55 11.51 8.83 -41.48
CA GLY D 55 12.72 8.02 -41.73
C GLY D 55 13.98 8.84 -41.78
N THR D 56 13.86 10.15 -41.62
CA THR D 56 14.97 11.12 -41.74
C THR D 56 15.91 10.92 -40.57
N TYR D 57 15.36 10.85 -39.37
CA TYR D 57 16.15 10.89 -38.12
C TYR D 57 15.98 9.64 -37.28
N THR D 58 17.12 9.12 -36.81
CA THR D 58 17.22 7.87 -36.04
C THR D 58 17.85 8.18 -34.70
N TYR D 59 17.65 7.28 -33.75
CA TYR D 59 18.16 7.36 -32.38
C TYR D 59 18.46 5.96 -31.85
N TYR D 60 19.53 5.86 -31.08
CA TYR D 60 19.99 4.59 -30.49
C TYR D 60 20.58 4.90 -29.13
N PRO D 61 20.60 3.91 -28.21
CA PRO D 61 21.36 4.01 -26.97
C PRO D 61 22.84 3.75 -27.21
N ASP D 62 23.69 4.22 -26.29
CA ASP D 62 25.16 4.07 -26.36
C ASP D 62 25.56 2.62 -26.08
N SER D 63 24.62 1.82 -25.56
CA SER D 63 24.93 0.44 -25.10
C SER D 63 25.34 -0.44 -26.28
N VAL D 64 24.77 -0.20 -27.46
CA VAL D 64 24.97 -1.10 -28.64
C VAL D 64 25.89 -0.43 -29.67
N LYS D 65 26.70 0.50 -29.21
CA LYS D 65 27.93 1.01 -29.88
C LYS D 65 27.80 1.04 -31.42
N GLY D 66 26.64 1.49 -31.89
CA GLY D 66 26.38 1.82 -33.30
C GLY D 66 26.41 0.61 -34.19
N ARG D 67 25.97 -0.53 -33.70
CA ARG D 67 25.95 -1.80 -34.48
C ARG D 67 24.55 -2.01 -35.05
N PHE D 68 23.55 -1.37 -34.47
CA PHE D 68 22.16 -1.41 -34.95
C PHE D 68 21.91 -0.21 -35.87
N THR D 69 21.25 -0.51 -36.97
CA THR D 69 20.83 0.48 -37.98
C THR D 69 19.35 0.26 -38.30
N ILE D 70 18.52 1.21 -37.90
CA ILE D 70 17.05 1.19 -38.16
C ILE D 70 16.73 1.89 -39.49
N SER D 71 15.67 1.44 -40.16
CA SER D 71 15.16 2.12 -41.38
C SER D 71 13.68 1.81 -41.58
N ARG D 72 13.06 2.50 -42.53
CA ARG D 72 11.61 2.26 -42.81
C ARG D 72 11.25 2.58 -44.26
N ASP D 73 10.61 1.62 -44.92
CA ASP D 73 10.10 1.77 -46.29
C ASP D 73 8.62 2.11 -46.20
N ASN D 74 8.29 3.38 -46.36
CA ASN D 74 6.93 3.88 -46.04
C ASN D 74 5.95 3.36 -47.08
N ALA D 75 6.46 2.94 -48.24
CA ALA D 75 5.64 2.43 -49.36
C ALA D 75 5.13 1.02 -49.07
N LYS D 76 5.99 0.20 -48.46
CA LYS D 76 5.73 -1.24 -48.24
C LYS D 76 5.14 -1.45 -46.85
N ASN D 77 5.09 -0.38 -46.06
CA ASN D 77 4.59 -0.41 -44.67
C ASN D 77 5.46 -1.31 -43.79
N THR D 78 6.76 -1.27 -44.07
CA THR D 78 7.78 -2.15 -43.46
C THR D 78 8.81 -1.31 -42.70
N LEU D 79 9.00 -1.68 -41.44
CA LEU D 79 10.11 -1.21 -40.59
C LEU D 79 11.20 -2.25 -40.57
N TYR D 80 12.47 -1.82 -40.50
CA TYR D 80 13.64 -2.73 -40.61
C TYR D 80 14.65 -2.42 -39.51
N LEU D 81 15.27 -3.44 -38.93
CA LEU D 81 16.46 -3.23 -38.10
C LEU D 81 17.57 -4.16 -38.57
N GLN D 82 18.62 -3.54 -39.08
CA GLN D 82 19.92 -4.21 -39.38
C GLN D 82 20.73 -4.31 -38.10
N ILE D 83 20.97 -5.53 -37.64
CA ILE D 83 21.87 -5.79 -36.50
C ILE D 83 23.14 -6.45 -37.05
N ASP D 84 24.25 -5.81 -36.75
CA ASP D 84 25.59 -6.17 -37.29
C ASP D 84 26.54 -6.45 -36.13
N SER D 85 27.64 -7.11 -36.46
CA SER D 85 28.73 -7.49 -35.53
C SER D 85 28.14 -8.14 -34.29
N LEU D 86 27.09 -8.96 -34.45
CA LEU D 86 26.35 -9.55 -33.33
C LEU D 86 27.33 -10.14 -32.30
N LYS D 87 26.93 -10.08 -31.03
CA LYS D 87 27.68 -10.66 -29.89
C LYS D 87 26.74 -11.60 -29.15
N SER D 88 27.28 -12.46 -28.28
CA SER D 88 26.47 -13.37 -27.43
C SER D 88 25.48 -12.57 -26.60
N GLU D 89 25.89 -11.34 -26.26
CA GLU D 89 25.13 -10.38 -25.42
C GLU D 89 23.90 -9.83 -26.15
N ASP D 90 23.77 -10.16 -27.44
CA ASP D 90 22.65 -9.65 -28.26
C ASP D 90 21.50 -10.65 -28.33
N THR D 91 21.78 -11.88 -27.92
CA THR D 91 20.77 -12.94 -27.85
C THR D 91 19.59 -12.39 -27.06
N ALA D 92 18.44 -12.32 -27.74
CA ALA D 92 17.20 -11.75 -27.15
C ALA D 92 15.99 -12.00 -28.04
N ILE D 93 14.85 -11.52 -27.56
CA ILE D 93 13.63 -11.37 -28.41
C ILE D 93 13.57 -9.93 -28.87
N TYR D 94 13.35 -9.70 -30.17
CA TYR D 94 13.21 -8.33 -30.71
C TYR D 94 11.76 -8.04 -31.04
N PHE D 95 11.31 -6.92 -30.49
CA PHE D 95 9.98 -6.31 -30.69
C PHE D 95 10.13 -5.03 -31.52
N CYS D 96 9.28 -4.86 -32.54
CA CYS D 96 9.01 -3.54 -33.11
C CYS D 96 7.83 -2.98 -32.34
N ALA D 97 7.72 -1.67 -32.29
CA ALA D 97 6.64 -1.00 -31.54
C ALA D 97 6.33 0.35 -32.14
N ARG D 98 5.05 0.72 -32.14
CA ARG D 98 4.60 2.05 -32.60
C ARG D 98 4.83 3.07 -31.49
N SER D 99 5.56 4.14 -31.79
CA SER D 99 6.07 5.06 -30.76
C SER D 99 5.29 6.38 -30.77
N LEU D 100 4.89 6.80 -29.58
CA LEU D 100 4.31 8.15 -29.35
C LEU D 100 5.36 9.01 -28.68
N ALA D 101 4.99 10.23 -28.34
CA ALA D 101 5.89 11.20 -27.68
C ALA D 101 6.33 10.61 -26.34
N GLY D 102 7.55 10.93 -25.92
CA GLY D 102 8.13 10.32 -24.71
C GLY D 102 8.41 8.85 -24.94
N ASN D 103 8.41 8.44 -26.22
CA ASN D 103 8.65 7.03 -26.64
C ASN D 103 7.72 6.11 -25.87
N ALA D 104 6.48 6.55 -25.69
CA ALA D 104 5.39 5.71 -25.18
C ALA D 104 5.00 4.75 -26.30
N MET D 105 5.25 3.46 -26.13
CA MET D 105 5.05 2.47 -27.21
C MET D 105 3.71 1.77 -27.03
N ASP D 106 2.69 2.20 -27.77
CA ASP D 106 1.29 1.79 -27.52
C ASP D 106 0.87 0.58 -28.35
N TYR D 107 1.72 0.12 -29.25
CA TYR D 107 1.54 -1.21 -29.89
C TYR D 107 2.89 -1.90 -30.00
N TRP D 108 2.92 -3.19 -29.65
CA TRP D 108 4.09 -4.06 -29.79
C TRP D 108 3.77 -5.25 -30.69
N GLY D 109 4.81 -5.74 -31.35
CA GLY D 109 4.78 -7.00 -32.09
C GLY D 109 4.88 -8.18 -31.16
N GLN D 110 4.68 -9.36 -31.72
CA GLN D 110 4.65 -10.63 -30.96
C GLN D 110 6.08 -11.02 -30.57
N GLY D 111 7.05 -10.60 -31.38
CA GLY D 111 8.48 -10.81 -31.11
C GLY D 111 9.13 -11.80 -32.04
N THR D 112 10.41 -11.62 -32.33
CA THR D 112 11.20 -12.59 -33.12
C THR D 112 12.49 -12.91 -32.40
N SER D 113 12.91 -14.19 -32.39
CA SER D 113 14.03 -14.64 -31.51
C SER D 113 15.37 -14.66 -32.25
N VAL D 114 16.32 -13.90 -31.71
CA VAL D 114 17.73 -13.85 -32.17
C VAL D 114 18.58 -14.61 -31.15
N THR D 115 19.31 -15.59 -31.67
CA THR D 115 20.25 -16.35 -30.83
C THR D 115 21.63 -16.31 -31.46
N VAL D 116 22.60 -15.96 -30.65
CA VAL D 116 24.02 -15.91 -31.11
C VAL D 116 24.87 -16.88 -30.29
N SER D 117 25.18 -18.02 -30.90
CA SER D 117 26.05 -19.06 -30.33
C SER D 117 27.11 -19.48 -31.36
N SER D 118 28.26 -19.88 -30.83
CA SER D 118 29.34 -20.59 -31.54
C SER D 118 28.89 -22.02 -31.85
N ALA D 119 27.90 -22.49 -31.10
CA ALA D 119 27.20 -23.77 -31.34
C ALA D 119 26.50 -23.73 -32.69
N SER D 120 26.37 -24.91 -33.32
CA SER D 120 25.53 -25.12 -34.50
C SER D 120 24.18 -25.65 -34.04
N THR D 121 23.15 -25.41 -34.85
CA THR D 121 21.76 -25.87 -34.61
C THR D 121 21.65 -27.38 -34.75
N LYS D 122 20.97 -28.02 -33.79
CA LYS D 122 20.59 -29.44 -33.90
C LYS D 122 19.09 -29.57 -33.73
N GLY D 123 18.45 -30.24 -34.70
CA GLY D 123 16.98 -30.33 -34.76
C GLY D 123 16.45 -31.29 -33.70
N PRO D 124 15.23 -31.04 -33.21
CA PRO D 124 14.61 -31.90 -32.21
C PRO D 124 14.08 -33.25 -32.73
N SER D 125 14.27 -34.30 -31.95
CA SER D 125 13.57 -35.58 -32.12
C SER D 125 12.23 -35.45 -31.41
N VAL D 126 11.15 -35.77 -32.10
CA VAL D 126 9.79 -35.65 -31.50
C VAL D 126 9.22 -37.04 -31.28
N PHE D 127 8.72 -37.27 -30.06
CA PHE D 127 8.14 -38.55 -29.63
C PHE D 127 6.73 -38.36 -29.12
N PRO D 128 5.85 -39.36 -29.36
CA PRO D 128 4.51 -39.32 -28.76
C PRO D 128 4.48 -39.77 -27.30
N LEU D 129 3.72 -39.04 -26.49
CA LEU D 129 3.28 -39.45 -25.15
C LEU D 129 1.83 -39.90 -25.27
N ALA D 130 1.71 -41.21 -25.50
CA ALA D 130 0.44 -41.95 -25.61
C ALA D 130 -0.38 -41.82 -24.34
N PRO D 131 -1.69 -41.59 -24.46
CA PRO D 131 -2.58 -41.46 -23.29
C PRO D 131 -2.86 -42.74 -22.48
N SER D 132 -3.02 -42.62 -21.15
CA SER D 132 -3.55 -43.62 -20.18
C SER D 132 -2.60 -43.78 -18.98
N GLY D 139 -12.19 -40.79 -17.92
CA GLY D 139 -13.06 -39.65 -18.25
C GLY D 139 -12.37 -38.68 -19.18
N THR D 140 -11.43 -37.92 -18.63
CA THR D 140 -10.48 -37.08 -19.42
C THR D 140 -9.09 -37.66 -19.33
N ALA D 141 -8.53 -37.97 -20.50
CA ALA D 141 -7.17 -38.51 -20.68
C ALA D 141 -6.23 -37.40 -21.18
N ALA D 142 -4.96 -37.57 -20.86
CA ALA D 142 -3.89 -36.62 -21.20
C ALA D 142 -2.94 -37.28 -22.17
N LEU D 143 -2.52 -36.58 -23.21
CA LEU D 143 -1.53 -37.09 -24.19
C LEU D 143 -0.59 -35.95 -24.54
N GLY D 144 0.53 -36.24 -25.17
CA GLY D 144 1.46 -35.14 -25.50
C GLY D 144 2.62 -35.53 -26.41
N CYS D 145 3.63 -34.65 -26.38
CA CYS D 145 4.82 -34.72 -27.25
C CYS D 145 6.03 -34.54 -26.37
N LEU D 146 7.02 -35.39 -26.57
CA LEU D 146 8.39 -35.15 -26.06
C LEU D 146 9.27 -34.67 -27.21
N VAL D 147 9.49 -33.35 -27.26
CA VAL D 147 10.48 -32.69 -28.15
C VAL D 147 11.84 -32.66 -27.45
N LYS D 148 12.71 -33.60 -27.81
CA LYS D 148 13.98 -33.86 -27.09
C LYS D 148 15.18 -33.54 -27.99
N ASP D 149 16.24 -33.04 -27.35
CA ASP D 149 17.61 -32.91 -27.91
C ASP D 149 17.64 -31.94 -29.09
N TYR D 150 17.45 -30.67 -28.80
CA TYR D 150 17.40 -29.60 -29.82
C TYR D 150 18.09 -28.34 -29.31
N PHE D 151 18.57 -27.52 -30.25
CA PHE D 151 19.26 -26.27 -29.98
C PHE D 151 19.16 -25.38 -31.22
N PRO D 152 18.96 -24.06 -31.03
CA PRO D 152 18.67 -23.44 -29.73
C PRO D 152 17.18 -23.21 -29.56
N GLU D 153 16.84 -22.58 -28.43
CA GLU D 153 15.44 -22.21 -28.14
C GLU D 153 15.05 -21.16 -29.17
N PRO D 154 13.76 -21.01 -29.53
CA PRO D 154 12.68 -21.91 -29.11
C PRO D 154 12.28 -22.92 -30.18
N VAL D 155 11.54 -23.95 -29.73
CA VAL D 155 10.57 -24.72 -30.54
C VAL D 155 9.18 -24.15 -30.26
N THR D 156 8.32 -24.23 -31.26
CA THR D 156 6.92 -23.82 -31.16
C THR D 156 6.13 -25.10 -31.41
N VAL D 157 5.08 -25.27 -30.61
CA VAL D 157 4.20 -26.46 -30.69
C VAL D 157 2.75 -26.01 -30.66
N SER D 158 2.07 -26.25 -31.78
CA SER D 158 0.61 -26.20 -31.93
C SER D 158 0.06 -27.62 -31.95
N TRP D 159 -1.27 -27.73 -31.82
CA TRP D 159 -1.98 -29.03 -31.83
C TRP D 159 -3.04 -29.05 -32.93
N ASN D 160 -2.97 -30.05 -33.80
CA ASN D 160 -3.99 -30.31 -34.86
C ASN D 160 -4.10 -29.08 -35.72
N SER D 161 -2.94 -28.54 -36.11
CA SER D 161 -2.74 -27.31 -36.92
C SER D 161 -3.05 -26.02 -36.16
N GLY D 162 -3.27 -26.15 -34.86
CA GLY D 162 -3.60 -25.06 -33.92
C GLY D 162 -5.09 -24.97 -33.69
N ALA D 163 -5.82 -26.04 -34.05
CA ALA D 163 -7.27 -26.14 -33.82
C ALA D 163 -7.53 -26.40 -32.34
N LEU D 164 -6.62 -27.19 -31.74
CA LEU D 164 -6.70 -27.60 -30.32
C LEU D 164 -5.85 -26.69 -29.43
N THR D 165 -6.48 -25.85 -28.62
CA THR D 165 -5.84 -24.83 -27.76
C THR D 165 -6.33 -25.01 -26.33
N SER D 166 -7.61 -25.34 -26.17
CA SER D 166 -8.23 -25.61 -24.84
C SER D 166 -7.65 -26.88 -24.22
N GLY D 167 -7.01 -26.70 -23.04
CA GLY D 167 -6.38 -27.75 -22.25
C GLY D 167 -4.95 -28.02 -22.63
N VAL D 168 -4.24 -27.04 -23.16
CA VAL D 168 -2.89 -27.25 -23.72
C VAL D 168 -1.83 -26.59 -22.83
N HIS D 169 -0.87 -27.39 -22.37
CA HIS D 169 0.28 -26.86 -21.60
C HIS D 169 1.60 -27.17 -22.28
N THR D 170 2.16 -26.23 -23.03
CA THR D 170 3.52 -26.35 -23.59
C THR D 170 4.49 -25.88 -22.52
N PHE D 171 5.42 -26.76 -22.14
CA PHE D 171 6.31 -26.49 -20.99
C PHE D 171 7.46 -25.58 -21.39
N PRO D 172 7.93 -24.77 -20.43
CA PRO D 172 9.27 -24.20 -20.46
C PRO D 172 10.31 -25.30 -20.64
N ALA D 173 11.17 -25.11 -21.65
CA ALA D 173 12.24 -26.04 -22.01
C ALA D 173 13.27 -26.02 -20.91
N VAL D 174 14.08 -27.08 -20.83
CA VAL D 174 15.09 -27.25 -19.75
C VAL D 174 16.43 -27.65 -20.35
N LEU D 175 17.51 -27.04 -19.85
CA LEU D 175 18.86 -27.20 -20.43
C LEU D 175 19.52 -28.42 -19.80
N GLN D 176 19.83 -29.41 -20.63
CA GLN D 176 20.19 -30.78 -20.21
C GLN D 176 21.69 -30.84 -19.91
N SER D 177 22.19 -32.03 -19.52
CA SER D 177 23.63 -32.35 -19.30
C SER D 177 24.43 -32.08 -20.59
N SER D 178 23.84 -32.38 -21.77
CA SER D 178 24.49 -32.30 -23.11
C SER D 178 24.62 -30.85 -23.59
N GLY D 179 23.79 -29.94 -23.06
CA GLY D 179 23.70 -28.53 -23.50
C GLY D 179 22.74 -28.39 -24.64
N LEU D 180 22.02 -29.48 -24.94
CA LEU D 180 20.81 -29.44 -25.80
C LEU D 180 19.60 -29.22 -24.90
N TYR D 181 18.46 -28.91 -25.51
CA TYR D 181 17.18 -28.63 -24.81
C TYR D 181 16.24 -29.80 -24.98
N SER D 182 15.33 -29.93 -24.03
CA SER D 182 14.21 -30.89 -24.02
C SER D 182 12.99 -30.13 -23.54
N LEU D 183 11.85 -30.47 -24.11
CA LEU D 183 10.58 -29.77 -23.84
C LEU D 183 9.45 -30.76 -24.12
N SER D 184 8.41 -30.73 -23.31
CA SER D 184 7.18 -31.51 -23.58
C SER D 184 5.99 -30.59 -23.79
N SER D 185 5.10 -30.98 -24.65
CA SER D 185 3.77 -30.36 -24.78
C SER D 185 2.70 -31.42 -24.56
N VAL D 186 1.76 -31.08 -23.70
CA VAL D 186 0.71 -32.03 -23.24
C VAL D 186 -0.65 -31.34 -23.38
N VAL D 187 -1.67 -32.15 -23.45
CA VAL D 187 -3.06 -31.68 -23.58
C VAL D 187 -3.98 -32.73 -22.97
N THR D 188 -4.92 -32.25 -22.19
CA THR D 188 -6.04 -33.08 -21.68
C THR D 188 -7.21 -32.95 -22.64
N VAL D 189 -7.67 -34.10 -23.12
CA VAL D 189 -8.86 -34.25 -24.00
C VAL D 189 -9.80 -35.28 -23.41
N PRO D 190 -11.11 -35.23 -23.71
CA PRO D 190 -12.03 -36.33 -23.38
C PRO D 190 -11.55 -37.67 -23.97
N SER D 191 -11.57 -38.73 -23.15
CA SER D 191 -11.09 -40.09 -23.49
C SER D 191 -12.05 -40.75 -24.48
N SER D 192 -13.27 -40.22 -24.59
CA SER D 192 -14.36 -40.66 -25.51
C SER D 192 -13.91 -40.49 -26.96
N SER D 193 -13.16 -39.41 -27.21
CA SER D 193 -12.79 -38.91 -28.56
C SER D 193 -11.79 -39.84 -29.26
N LEU D 194 -10.83 -40.38 -28.48
CA LEU D 194 -9.66 -41.17 -28.95
C LEU D 194 -10.12 -42.21 -29.99
N GLY D 195 -9.28 -42.51 -30.99
CA GLY D 195 -9.63 -43.43 -32.10
C GLY D 195 -10.54 -42.76 -33.11
N THR D 196 -11.68 -42.21 -32.62
CA THR D 196 -12.75 -41.50 -33.39
C THR D 196 -12.46 -40.00 -33.51
N GLN D 197 -11.17 -39.67 -33.62
CA GLN D 197 -10.63 -38.29 -33.68
C GLN D 197 -9.10 -38.36 -33.58
N THR D 198 -8.42 -37.68 -34.51
CA THR D 198 -6.95 -37.71 -34.69
C THR D 198 -6.30 -36.60 -33.90
N TYR D 199 -5.23 -36.90 -33.16
CA TYR D 199 -4.51 -35.90 -32.36
C TYR D 199 -3.07 -35.86 -32.85
N ILE D 200 -2.71 -34.69 -33.41
CA ILE D 200 -1.41 -34.39 -34.07
C ILE D 200 -0.73 -33.24 -33.35
N CYS D 201 0.58 -33.40 -33.25
CA CYS D 201 1.47 -32.51 -32.47
C CYS D 201 2.49 -31.84 -33.39
N ASN D 202 2.31 -30.52 -33.60
CA ASN D 202 3.03 -29.77 -34.66
C ASN D 202 4.21 -29.06 -34.06
N VAL D 203 5.37 -29.72 -34.11
CA VAL D 203 6.67 -29.18 -33.64
C VAL D 203 7.34 -28.46 -34.79
N ASN D 204 7.58 -27.15 -34.59
CA ASN D 204 8.45 -26.34 -35.47
C ASN D 204 9.67 -25.86 -34.69
N HIS D 205 10.84 -26.21 -35.20
CA HIS D 205 12.14 -25.68 -34.76
C HIS D 205 12.75 -24.93 -35.93
N LYS D 206 12.65 -23.60 -35.94
CA LYS D 206 12.98 -22.78 -37.14
C LYS D 206 14.45 -22.88 -37.50
N PRO D 207 15.40 -22.75 -36.55
CA PRO D 207 16.81 -22.70 -36.94
C PRO D 207 17.35 -23.95 -37.64
N SER D 208 16.69 -25.09 -37.48
CA SER D 208 17.17 -26.38 -38.04
C SER D 208 16.28 -26.82 -39.19
N ASN D 209 15.33 -25.97 -39.54
CA ASN D 209 14.39 -26.26 -40.66
C ASN D 209 13.72 -27.61 -40.44
N THR D 210 13.33 -27.84 -39.19
CA THR D 210 12.70 -29.07 -38.70
C THR D 210 11.26 -28.76 -38.34
N LYS D 211 10.33 -29.37 -39.06
CA LYS D 211 8.89 -29.42 -38.76
C LYS D 211 8.44 -30.88 -38.75
N VAL D 212 8.12 -31.36 -37.57
CA VAL D 212 7.50 -32.69 -37.38
C VAL D 212 6.02 -32.53 -37.05
N ASP D 213 5.20 -33.26 -37.80
CA ASP D 213 3.76 -33.39 -37.52
C ASP D 213 3.49 -34.81 -37.00
N LYS D 214 3.53 -34.96 -35.68
CA LYS D 214 3.57 -36.30 -35.03
C LYS D 214 2.16 -36.74 -34.66
N LYS D 215 1.72 -37.81 -35.32
CA LYS D 215 0.42 -38.44 -35.00
C LYS D 215 0.60 -39.12 -33.63
N VAL D 216 -0.08 -38.58 -32.62
CA VAL D 216 -0.03 -39.10 -31.23
C VAL D 216 -1.17 -40.11 -31.05
N GLU D 217 -0.77 -41.37 -30.88
CA GLU D 217 -1.63 -42.58 -30.99
C GLU D 217 -1.44 -43.49 -29.77
N PRO D 218 -2.50 -44.05 -29.17
CA PRO D 218 -2.36 -45.08 -28.13
C PRO D 218 -1.64 -46.36 -28.61
N LYS D 219 -0.63 -46.83 -27.84
CA LYS D 219 0.33 -47.92 -28.24
C LYS D 219 -0.38 -49.28 -28.30
N SER D 220 -0.01 -50.11 -29.29
CA SER D 220 -0.73 -51.34 -29.72
C SER D 220 -0.60 -52.44 -28.66
N ASP E 1 -19.42 -6.75 12.41
CA ASP E 1 -18.28 -7.66 12.16
C ASP E 1 -17.58 -7.25 10.85
N ILE E 2 -17.21 -5.96 10.77
CA ILE E 2 -16.29 -5.40 9.76
C ILE E 2 -15.18 -6.39 9.41
N VAL E 3 -14.74 -6.35 8.15
CA VAL E 3 -13.63 -7.21 7.64
C VAL E 3 -12.45 -6.33 7.22
N MET E 4 -11.27 -6.62 7.75
CA MET E 4 -10.03 -5.92 7.30
C MET E 4 -9.26 -6.85 6.37
N THR E 5 -8.97 -6.37 5.17
CA THR E 5 -8.27 -7.16 4.13
C THR E 5 -6.97 -6.46 3.76
N GLN E 6 -5.83 -7.10 3.97
CA GLN E 6 -4.54 -6.49 3.54
C GLN E 6 -4.14 -7.08 2.18
N SER E 7 -3.27 -6.34 1.52
CA SER E 7 -2.75 -6.71 0.20
C SER E 7 -1.43 -6.00 -0.03
N PRO E 8 -0.35 -6.70 -0.49
CA PRO E 8 -0.38 -8.12 -0.84
C PRO E 8 -0.31 -9.05 0.38
N ALA E 9 -0.45 -10.35 0.11
CA ALA E 9 -0.21 -11.43 1.08
C ALA E 9 1.28 -11.51 1.42
N THR E 10 2.10 -11.63 0.37
CA THR E 10 3.56 -11.71 0.49
C THR E 10 4.22 -10.73 -0.48
N LEU E 11 5.55 -10.63 -0.40
CA LEU E 11 6.25 -9.44 -0.89
C LEU E 11 7.75 -9.67 -0.79
N SER E 12 8.46 -9.48 -1.91
CA SER E 12 9.95 -9.53 -1.90
C SER E 12 10.52 -8.23 -2.44
N VAL E 13 11.27 -7.51 -1.60
CA VAL E 13 11.82 -6.17 -1.97
C VAL E 13 13.34 -6.15 -1.78
N THR E 14 14.00 -5.34 -2.62
CA THR E 14 15.45 -5.11 -2.58
C THR E 14 15.73 -3.91 -1.66
N PRO E 15 16.66 -4.03 -0.69
CA PRO E 15 16.79 -2.99 0.32
C PRO E 15 17.09 -1.68 -0.44
N GLY E 16 16.69 -0.58 0.18
CA GLY E 16 16.84 0.76 -0.38
C GLY E 16 15.75 1.09 -1.35
N ASP E 17 14.76 0.20 -1.45
CA ASP E 17 13.59 0.37 -2.34
C ASP E 17 12.40 0.83 -1.51
N ARG E 18 11.49 1.55 -2.16
CA ARG E 18 10.21 1.99 -1.58
C ARG E 18 9.21 0.85 -1.74
N VAL E 19 8.30 0.73 -0.79
CA VAL E 19 7.24 -0.32 -0.80
C VAL E 19 5.93 0.26 -0.26
N SER E 20 4.81 -0.07 -0.91
CA SER E 20 3.45 0.29 -0.44
C SER E 20 2.68 -0.97 -0.05
N LEU E 21 2.24 -1.04 1.20
CA LEU E 21 1.27 -2.08 1.66
C LEU E 21 -0.11 -1.44 1.78
N SER E 22 -1.11 -2.15 1.24
CA SER E 22 -2.53 -1.73 1.20
C SER E 22 -3.31 -2.40 2.33
N CYS E 23 -4.33 -1.71 2.82
CA CYS E 23 -5.31 -2.24 3.79
C CYS E 23 -6.69 -1.68 3.42
N ARG E 24 -7.69 -2.56 3.37
CA ARG E 24 -9.06 -2.21 2.94
C ARG E 24 -10.05 -2.63 4.04
N ALA E 25 -10.93 -1.71 4.40
CA ALA E 25 -12.01 -1.93 5.39
C ALA E 25 -13.30 -2.12 4.63
N SER E 26 -14.21 -2.86 5.25
CA SER E 26 -15.53 -3.24 4.70
C SER E 26 -16.54 -2.13 4.98
N GLN E 27 -16.06 -0.99 5.46
CA GLN E 27 -16.92 0.19 5.75
C GLN E 27 -16.03 1.38 6.13
N THR E 28 -16.57 2.59 6.01
CA THR E 28 -15.84 3.85 6.27
C THR E 28 -15.41 3.93 7.74
N ILE E 29 -14.14 4.18 7.92
CA ILE E 29 -13.52 4.25 9.27
C ILE E 29 -12.64 5.50 9.34
N SER E 30 -12.99 6.53 8.57
CA SER E 30 -12.24 7.80 8.48
C SER E 30 -10.73 7.59 8.46
N ASP E 31 -10.02 8.27 9.34
CA ASP E 31 -8.54 8.15 9.46
C ASP E 31 -8.17 7.24 10.63
N TYR E 32 -9.14 6.51 11.16
CA TYR E 32 -8.91 5.64 12.34
C TYR E 32 -8.41 4.27 11.91
N LEU E 33 -7.10 4.20 11.65
CA LEU E 33 -6.45 2.99 11.12
C LEU E 33 -5.02 2.96 11.65
N HIS E 34 -4.62 1.83 12.22
CA HIS E 34 -3.30 1.68 12.87
C HIS E 34 -2.44 0.64 12.16
N TRP E 35 -1.13 0.82 12.21
CA TRP E 35 -0.16 -0.09 11.57
C TRP E 35 0.88 -0.57 12.56
N TYR E 36 1.02 -1.88 12.67
CA TYR E 36 2.08 -2.53 13.48
C TYR E 36 2.92 -3.41 12.59
N GLN E 37 4.16 -3.67 13.03
CA GLN E 37 5.05 -4.69 12.46
C GLN E 37 5.42 -5.71 13.54
N GLN E 38 5.74 -6.90 13.08
CA GLN E 38 6.17 -8.04 13.92
C GLN E 38 7.35 -8.74 13.24
N LYS E 39 8.53 -8.60 13.83
CA LYS E 39 9.72 -9.41 13.45
C LYS E 39 9.68 -10.76 14.17
N SER E 40 9.90 -11.85 13.46
CA SER E 40 9.79 -13.21 14.05
C SER E 40 10.58 -13.29 15.36
N HIS E 41 9.96 -13.90 16.36
CA HIS E 41 10.49 -14.09 17.74
C HIS E 41 10.39 -12.80 18.55
N GLU E 42 9.76 -11.76 17.97
CA GLU E 42 9.32 -10.55 18.71
C GLU E 42 7.80 -10.46 18.69
N SER E 43 7.26 -9.53 19.45
CA SER E 43 5.82 -9.25 19.50
C SER E 43 5.57 -8.02 18.68
N PRO E 44 4.31 -7.69 18.32
CA PRO E 44 4.01 -6.48 17.56
C PRO E 44 4.48 -5.16 18.19
N ARG E 45 4.90 -4.22 17.36
CA ARG E 45 5.13 -2.83 17.85
C ARG E 45 4.40 -1.87 16.92
N LEU E 46 3.81 -0.83 17.50
CA LEU E 46 3.02 0.18 16.75
C LEU E 46 3.95 1.05 15.92
N LEU E 47 3.63 1.15 14.63
CA LEU E 47 4.27 2.05 13.64
C LEU E 47 3.46 3.32 13.51
N ILE E 48 2.18 3.16 13.16
CA ILE E 48 1.31 4.33 12.84
C ILE E 48 0.01 4.22 13.60
N LYS E 49 -0.55 5.37 13.95
CA LYS E 49 -1.90 5.44 14.54
C LYS E 49 -2.64 6.55 13.82
N PHE E 50 -3.98 6.44 13.79
CA PHE E 50 -4.89 7.39 13.13
C PHE E 50 -4.38 7.68 11.71
N ALA E 51 -4.21 6.61 10.93
CA ALA E 51 -3.91 6.59 9.48
C ALA E 51 -2.48 7.03 9.18
N SER E 52 -2.02 8.11 9.81
CA SER E 52 -0.86 8.91 9.35
C SER E 52 0.10 9.30 10.48
N GLN E 53 -0.36 9.27 11.73
CA GLN E 53 0.44 9.80 12.86
C GLN E 53 1.58 8.84 13.20
N SER E 54 2.81 9.30 13.05
CA SER E 54 4.02 8.51 13.37
C SER E 54 4.21 8.47 14.88
N ILE E 55 4.79 7.38 15.37
CA ILE E 55 5.06 7.15 16.80
C ILE E 55 6.53 7.47 17.08
N SER E 56 6.79 7.87 18.32
CA SER E 56 8.16 8.08 18.87
C SER E 56 9.02 6.83 18.64
N GLY E 57 10.19 7.03 18.03
CA GLY E 57 11.24 6.00 17.95
C GLY E 57 11.02 5.05 16.80
N ILE E 58 10.01 5.34 15.99
CA ILE E 58 9.80 4.70 14.66
C ILE E 58 10.76 5.34 13.67
N PRO E 59 11.58 4.55 12.94
CA PRO E 59 12.36 5.08 11.83
C PRO E 59 11.52 6.00 10.92
N SER E 60 12.17 7.08 10.48
CA SER E 60 11.53 8.17 9.70
C SER E 60 11.02 7.70 8.33
N ARG E 61 11.26 6.44 8.01
CA ARG E 61 11.03 5.84 6.66
C ARG E 61 9.61 5.31 6.53
N PHE E 62 8.99 4.93 7.64
CA PHE E 62 7.56 4.56 7.67
C PHE E 62 6.68 5.80 7.76
N SER E 63 5.63 5.82 6.95
CA SER E 63 4.48 6.72 7.21
C SER E 63 3.25 6.13 6.57
N GLY E 64 2.09 6.46 7.14
CA GLY E 64 0.80 5.92 6.73
C GLY E 64 0.04 6.96 5.98
N SER E 65 -0.87 6.51 5.13
CA SER E 65 -1.69 7.42 4.29
C SER E 65 -3.05 6.78 4.04
N GLY E 66 -3.95 7.63 3.52
CA GLY E 66 -5.31 7.28 3.13
C GLY E 66 -6.30 7.64 4.20
N SER E 67 -7.57 7.54 3.85
CA SER E 67 -8.71 7.76 4.79
C SER E 67 -9.97 7.27 4.12
N GLY E 68 -10.92 6.84 4.94
CA GLY E 68 -12.22 6.32 4.48
C GLY E 68 -12.28 4.82 4.56
N SER E 69 -11.86 4.19 3.47
CA SER E 69 -11.85 2.71 3.30
C SER E 69 -10.47 2.13 2.93
N ASP E 70 -9.73 2.83 2.09
CA ASP E 70 -8.44 2.31 1.55
C ASP E 70 -7.27 3.03 2.22
N PHE E 71 -6.28 2.26 2.65
CA PHE E 71 -5.11 2.78 3.40
C PHE E 71 -3.80 2.25 2.83
N THR E 72 -2.73 2.98 3.10
CA THR E 72 -1.39 2.63 2.57
C THR E 72 -0.28 2.86 3.58
N LEU E 73 0.41 1.79 3.98
CA LEU E 73 1.69 1.88 4.73
C LEU E 73 2.85 1.90 3.74
N SER E 74 3.55 3.04 3.70
CA SER E 74 4.71 3.28 2.82
C SER E 74 6.03 3.19 3.58
N ILE E 75 6.91 2.33 3.09
CA ILE E 75 8.31 2.23 3.58
C ILE E 75 9.25 2.80 2.53
N ASN E 76 9.62 4.05 2.67
CA ASN E 76 10.57 4.74 1.75
C ASN E 76 12.00 4.35 2.16
N SER E 77 12.64 3.49 1.39
CA SER E 77 14.01 2.94 1.58
C SER E 77 14.04 1.83 2.66
N VAL E 78 13.32 0.74 2.39
CA VAL E 78 13.27 -0.48 3.26
C VAL E 78 14.69 -0.99 3.59
N GLU E 79 14.86 -1.66 4.73
CA GLU E 79 16.18 -2.14 5.23
C GLU E 79 16.09 -3.62 5.57
N PRO E 80 17.21 -4.37 5.66
CA PRO E 80 17.13 -5.81 5.91
C PRO E 80 16.58 -6.15 7.29
N GLU E 81 16.46 -5.11 8.12
CA GLU E 81 15.91 -5.16 9.50
C GLU E 81 14.39 -5.15 9.45
N ASP E 82 13.84 -4.64 8.34
CA ASP E 82 12.38 -4.42 8.20
C ASP E 82 11.68 -5.70 7.73
N VAL E 83 12.45 -6.75 7.45
CA VAL E 83 11.87 -8.09 7.20
C VAL E 83 10.89 -8.40 8.35
N GLY E 84 9.69 -8.87 8.04
CA GLY E 84 8.68 -9.11 9.08
C GLY E 84 7.28 -9.21 8.53
N VAL E 85 6.33 -9.05 9.45
CA VAL E 85 4.88 -9.08 9.12
C VAL E 85 4.21 -7.79 9.53
N TYR E 86 3.47 -7.17 8.62
CA TYR E 86 2.82 -5.85 8.87
C TYR E 86 1.31 -6.06 8.95
N TYR E 87 0.72 -5.60 10.04
CA TYR E 87 -0.74 -5.71 10.27
C TYR E 87 -1.37 -4.33 10.42
N CYS E 88 -2.49 -4.13 9.73
CA CYS E 88 -3.38 -2.97 9.89
C CYS E 88 -4.51 -3.38 10.84
N GLN E 89 -5.01 -2.41 11.60
CA GLN E 89 -6.11 -2.63 12.55
C GLN E 89 -7.03 -1.41 12.57
N ASN E 90 -8.33 -1.66 12.42
CA ASN E 90 -9.35 -0.59 12.36
C ASN E 90 -9.51 0.00 13.77
N GLY E 91 -9.55 1.33 13.85
CA GLY E 91 -9.73 2.08 15.09
C GLY E 91 -11.18 2.34 15.35
N HIS E 92 -11.95 2.29 14.26
CA HIS E 92 -13.42 2.50 14.29
C HIS E 92 -14.14 1.23 13.83
N GLY E 93 -15.42 1.17 14.12
CA GLY E 93 -16.26 -0.01 13.92
C GLY E 93 -15.95 -1.04 14.97
N PHE E 94 -16.85 -2.00 15.10
CA PHE E 94 -16.73 -3.09 16.10
C PHE E 94 -16.62 -4.41 15.35
N PRO E 95 -15.73 -5.32 15.75
CA PRO E 95 -14.75 -5.09 16.83
C PRO E 95 -13.42 -4.54 16.31
N ARG E 96 -12.45 -4.42 17.21
CA ARG E 96 -11.07 -4.07 16.86
C ARG E 96 -10.52 -5.24 16.07
N THR E 97 -10.81 -5.25 14.76
CA THR E 97 -10.33 -6.29 13.83
C THR E 97 -8.90 -5.96 13.41
N PHE E 98 -8.09 -6.99 13.27
CA PHE E 98 -6.77 -6.90 12.59
C PHE E 98 -6.85 -7.44 11.15
N GLY E 99 -5.98 -6.93 10.30
CA GLY E 99 -5.77 -7.39 8.93
C GLY E 99 -5.10 -8.75 8.87
N GLY E 100 -5.16 -9.36 7.70
CA GLY E 100 -4.67 -10.74 7.48
C GLY E 100 -3.20 -10.83 7.73
N GLY E 101 -2.48 -9.72 7.46
CA GLY E 101 -1.02 -9.64 7.58
C GLY E 101 -0.35 -9.59 6.23
N THR E 102 0.62 -8.71 6.07
CA THR E 102 1.52 -8.68 4.89
C THR E 102 2.91 -9.15 5.32
N LYS E 103 3.34 -10.28 4.76
CA LYS E 103 4.73 -10.75 4.96
C LYS E 103 5.66 -9.98 4.01
N LEU E 104 6.69 -9.36 4.56
CA LEU E 104 7.71 -8.66 3.74
C LEU E 104 9.04 -9.40 3.79
N GLU E 105 9.37 -10.17 2.77
CA GLU E 105 10.70 -10.78 2.55
C GLU E 105 11.66 -9.77 1.90
N ILE E 106 12.89 -9.82 2.35
CA ILE E 106 14.02 -9.02 1.78
C ILE E 106 14.74 -9.86 0.74
N LYS E 107 15.03 -9.25 -0.41
CA LYS E 107 15.82 -9.87 -1.49
C LYS E 107 17.30 -9.54 -1.29
N ARG E 108 18.15 -10.51 -1.57
CA ARG E 108 19.62 -10.30 -1.57
C ARG E 108 20.34 -11.18 -2.59
N THR E 109 21.59 -10.81 -2.85
CA THR E 109 22.69 -11.60 -3.46
C THR E 109 22.61 -13.08 -3.06
N VAL E 110 22.88 -13.99 -3.99
CA VAL E 110 22.91 -15.43 -3.67
C VAL E 110 24.09 -15.74 -2.73
N ALA E 111 23.82 -16.55 -1.72
CA ALA E 111 24.82 -17.01 -0.72
C ALA E 111 24.79 -18.52 -0.60
N ALA E 112 25.97 -19.13 -0.66
CA ALA E 112 26.14 -20.60 -0.56
C ALA E 112 26.03 -21.04 0.90
N PRO E 113 25.37 -22.17 1.19
CA PRO E 113 25.28 -22.65 2.57
C PRO E 113 26.55 -23.29 3.13
N SER E 114 27.00 -22.90 4.32
CA SER E 114 27.97 -23.66 5.12
C SER E 114 27.31 -24.98 5.55
N VAL E 115 27.83 -26.11 5.10
CA VAL E 115 27.15 -27.41 5.39
C VAL E 115 27.93 -28.26 6.39
N PHE E 116 27.24 -28.67 7.45
CA PHE E 116 27.78 -29.49 8.57
C PHE E 116 26.93 -30.76 8.72
N ILE E 117 27.57 -31.85 9.13
CA ILE E 117 26.83 -33.10 9.48
C ILE E 117 27.21 -33.54 10.89
N PHE E 118 26.22 -34.10 11.57
CA PHE E 118 26.28 -34.56 12.97
C PHE E 118 25.81 -36.01 13.03
N PRO E 119 26.74 -36.95 13.31
CA PRO E 119 26.34 -38.34 13.55
C PRO E 119 25.61 -38.41 14.90
N PRO E 120 24.90 -39.52 15.18
CA PRO E 120 24.13 -39.61 16.41
C PRO E 120 25.00 -39.69 17.67
N SER E 121 24.41 -39.13 18.73
CA SER E 121 24.80 -39.24 20.16
C SER E 121 24.69 -40.66 20.64
N ASP E 122 25.70 -41.19 21.30
CA ASP E 122 25.65 -42.57 21.86
C ASP E 122 24.53 -42.67 22.91
N GLU E 123 24.24 -41.55 23.54
CA GLU E 123 23.22 -41.41 24.59
C GLU E 123 21.86 -41.82 24.03
N GLN E 124 21.51 -41.22 22.90
CA GLN E 124 20.25 -41.53 22.17
C GLN E 124 20.28 -42.95 21.64
N LEU E 125 21.43 -43.39 21.18
CA LEU E 125 21.65 -44.74 20.64
C LEU E 125 21.33 -45.79 21.69
N LYS E 126 21.89 -45.64 22.90
CA LYS E 126 21.54 -46.52 24.03
C LYS E 126 20.05 -46.44 24.29
N SER E 127 19.47 -45.27 24.06
CA SER E 127 18.02 -45.03 24.18
C SER E 127 17.24 -45.90 23.18
N GLY E 128 17.92 -46.28 22.10
CA GLY E 128 17.37 -47.25 21.14
C GLY E 128 17.15 -46.68 19.75
N THR E 129 17.48 -45.40 19.55
CA THR E 129 17.33 -44.67 18.28
C THR E 129 18.63 -43.96 17.91
N ALA E 130 18.81 -43.78 16.60
CA ALA E 130 19.88 -42.94 15.99
C ALA E 130 19.25 -41.83 15.15
N SER E 131 19.66 -40.60 15.42
CA SER E 131 19.29 -39.44 14.58
C SER E 131 20.56 -38.80 14.03
N VAL E 132 20.68 -38.79 12.72
CA VAL E 132 21.74 -38.05 11.99
C VAL E 132 21.20 -36.69 11.59
N VAL E 133 21.94 -35.62 11.87
CA VAL E 133 21.48 -34.23 11.57
C VAL E 133 22.39 -33.60 10.50
N CYS E 134 21.79 -32.87 9.57
CA CYS E 134 22.54 -32.10 8.56
C CYS E 134 22.10 -30.64 8.60
N LEU E 135 23.04 -29.75 8.83
CA LEU E 135 22.82 -28.28 8.84
C LEU E 135 23.37 -27.59 7.57
N LEU E 136 22.53 -26.75 6.98
CA LEU E 136 22.92 -25.73 5.97
C LEU E 136 22.74 -24.37 6.62
N ASN E 137 23.83 -23.65 6.76
CA ASN E 137 23.90 -22.38 7.54
C ASN E 137 24.04 -21.16 6.62
N ASN E 138 23.17 -20.17 6.83
CA ASN E 138 23.29 -18.80 6.27
C ASN E 138 23.40 -18.83 4.73
N PHE E 139 22.28 -19.14 4.08
CA PHE E 139 22.21 -19.20 2.61
C PHE E 139 21.01 -18.43 2.09
N TYR E 140 20.99 -18.25 0.77
CA TYR E 140 19.90 -17.55 0.05
C TYR E 140 19.96 -17.89 -1.42
N PRO E 141 18.84 -18.17 -2.11
CA PRO E 141 17.49 -18.05 -1.57
C PRO E 141 17.09 -19.24 -0.69
N ARG E 142 15.85 -19.15 -0.19
CA ARG E 142 15.30 -20.05 0.85
C ARG E 142 15.31 -21.49 0.34
N GLU E 143 15.06 -21.66 -0.97
CA GLU E 143 14.91 -23.00 -1.56
C GLU E 143 16.27 -23.71 -1.57
N ALA E 144 16.27 -24.95 -1.09
CA ALA E 144 17.42 -25.86 -1.16
C ALA E 144 16.98 -27.32 -1.10
N LYS E 145 17.61 -28.17 -1.88
CA LYS E 145 17.40 -29.64 -1.86
C LYS E 145 18.40 -30.31 -0.90
N VAL E 146 17.93 -31.37 -0.29
CA VAL E 146 18.73 -32.26 0.61
C VAL E 146 18.32 -33.70 0.33
N GLN E 147 19.29 -34.56 -0.02
CA GLN E 147 19.09 -36.03 -0.14
C GLN E 147 20.01 -36.77 0.83
N TRP E 148 19.44 -37.79 1.48
CA TRP E 148 20.11 -38.67 2.47
C TRP E 148 20.53 -40.00 1.85
N LYS E 149 21.85 -40.23 1.81
CA LYS E 149 22.47 -41.45 1.21
C LYS E 149 23.13 -42.29 2.31
N VAL E 150 22.69 -43.54 2.46
CA VAL E 150 23.24 -44.50 3.45
C VAL E 150 23.89 -45.68 2.72
N ASP E 151 25.24 -45.67 2.63
CA ASP E 151 26.04 -46.59 1.78
C ASP E 151 25.63 -46.35 0.32
N ASN E 152 25.49 -45.07 -0.05
CA ASN E 152 25.11 -44.60 -1.41
C ASN E 152 23.82 -45.29 -1.87
N ALA E 153 22.89 -45.52 -0.95
CA ALA E 153 21.51 -45.99 -1.25
C ALA E 153 20.52 -44.91 -0.81
N LEU E 154 19.94 -44.17 -1.77
CA LEU E 154 19.30 -42.85 -1.49
C LEU E 154 18.00 -43.05 -0.71
N GLN E 155 17.83 -42.31 0.39
CA GLN E 155 16.79 -42.57 1.42
C GLN E 155 15.56 -41.71 1.14
N SER E 156 14.40 -42.25 1.48
CA SER E 156 13.10 -41.56 1.30
C SER E 156 12.15 -41.86 2.47
N GLY E 157 11.62 -40.80 3.08
CA GLY E 157 10.47 -40.86 4.00
C GLY E 157 10.89 -41.07 5.44
N ASN E 158 12.19 -40.85 5.71
CA ASN E 158 12.75 -40.97 7.10
C ASN E 158 13.51 -39.72 7.50
N SER E 159 13.29 -38.62 6.77
CA SER E 159 13.96 -37.31 6.95
C SER E 159 12.90 -36.26 7.28
N GLN E 160 13.32 -35.13 7.86
CA GLN E 160 12.43 -33.98 8.10
C GLN E 160 13.26 -32.70 8.06
N GLU E 161 12.85 -31.79 7.17
CA GLU E 161 13.47 -30.45 7.02
C GLU E 161 12.81 -29.51 8.03
N SER E 162 13.55 -28.53 8.53
CA SER E 162 13.04 -27.31 9.16
C SER E 162 13.92 -26.15 8.77
N VAL E 163 13.24 -25.07 8.38
CA VAL E 163 13.87 -23.82 7.88
C VAL E 163 13.70 -22.70 8.89
N THR E 164 14.80 -22.09 9.27
CA THR E 164 14.79 -20.84 10.08
C THR E 164 14.12 -19.71 9.30
N GLU E 165 13.58 -18.75 10.02
CA GLU E 165 13.04 -17.53 9.38
C GLU E 165 14.20 -16.72 8.86
N GLN E 166 13.92 -15.79 7.98
CA GLN E 166 14.93 -14.89 7.40
C GLN E 166 15.58 -14.00 8.47
N ASP E 167 16.90 -14.04 8.54
CA ASP E 167 17.72 -13.15 9.40
C ASP E 167 17.40 -11.68 9.10
N SER E 168 17.45 -10.85 10.12
CA SER E 168 17.16 -9.40 9.96
C SER E 168 18.46 -8.57 10.01
N LYS E 169 19.62 -9.24 9.98
CA LYS E 169 20.91 -8.55 9.73
C LYS E 169 21.43 -8.88 8.33
N ASP E 170 21.52 -10.16 8.00
CA ASP E 170 22.19 -10.67 6.77
C ASP E 170 21.18 -11.28 5.79
N SER E 171 19.91 -11.29 6.17
CA SER E 171 18.77 -11.70 5.31
C SER E 171 18.96 -13.10 4.75
N THR E 172 19.60 -13.99 5.52
CA THR E 172 19.85 -15.39 5.12
C THR E 172 18.84 -16.32 5.80
N TYR E 173 18.89 -17.60 5.40
CA TYR E 173 18.10 -18.70 5.99
C TYR E 173 19.06 -19.77 6.52
N SER E 174 18.54 -20.62 7.38
CA SER E 174 19.24 -21.83 7.84
C SER E 174 18.28 -23.01 7.82
N LEU E 175 18.85 -24.19 7.67
CA LEU E 175 18.02 -25.39 7.47
C LEU E 175 18.64 -26.63 8.08
N SER E 176 17.82 -27.36 8.84
CA SER E 176 18.20 -28.65 9.46
C SER E 176 17.42 -29.72 8.72
N SER E 177 18.07 -30.84 8.41
CA SER E 177 17.39 -32.08 8.02
C SER E 177 17.80 -33.18 9.00
N THR E 178 16.78 -33.75 9.63
CA THR E 178 16.92 -34.83 10.63
C THR E 178 16.56 -36.16 9.96
N LEU E 179 17.55 -37.05 9.86
CA LEU E 179 17.39 -38.46 9.41
C LEU E 179 17.24 -39.38 10.62
N THR E 180 16.13 -40.10 10.70
CA THR E 180 15.82 -40.90 11.91
C THR E 180 15.79 -42.39 11.59
N LEU E 181 16.68 -43.16 12.21
CA LEU E 181 16.66 -44.64 12.11
C LEU E 181 16.63 -45.24 13.50
N SER E 182 16.33 -46.54 13.61
CA SER E 182 16.52 -47.29 14.87
C SER E 182 18.01 -47.59 15.05
N LYS E 183 18.39 -47.90 16.27
CA LYS E 183 19.78 -48.30 16.66
C LYS E 183 20.23 -49.38 15.67
N ALA E 184 19.39 -50.40 15.51
CA ALA E 184 19.60 -51.62 14.69
C ALA E 184 19.97 -51.23 13.26
N ASP E 185 19.04 -50.58 12.56
CA ASP E 185 19.26 -50.15 11.16
C ASP E 185 20.61 -49.43 11.07
N TYR E 186 20.78 -48.39 11.90
CA TYR E 186 22.00 -47.54 11.90
C TYR E 186 23.27 -48.40 12.01
N GLU E 187 23.24 -49.44 12.86
CA GLU E 187 24.43 -50.27 13.17
C GLU E 187 24.68 -51.29 12.05
N LYS E 188 23.73 -51.45 11.11
CA LYS E 188 23.84 -52.39 9.96
C LYS E 188 24.68 -51.76 8.84
N HIS E 189 24.84 -50.42 8.81
CA HIS E 189 25.51 -49.65 7.72
C HIS E 189 26.71 -48.87 8.25
N LYS E 190 27.52 -48.37 7.33
CA LYS E 190 28.85 -47.76 7.63
C LYS E 190 28.86 -46.28 7.29
N VAL E 191 28.61 -45.98 6.01
CA VAL E 191 28.68 -44.61 5.43
C VAL E 191 27.32 -43.89 5.60
N TYR E 192 27.35 -42.67 6.13
CA TYR E 192 26.18 -41.81 6.27
C TYR E 192 26.49 -40.47 5.61
N ALA E 193 25.64 -40.08 4.67
CA ALA E 193 25.90 -39.02 3.69
C ALA E 193 24.72 -38.08 3.57
N CYS E 194 25.05 -36.79 3.55
CA CYS E 194 24.17 -35.61 3.29
C CYS E 194 24.62 -34.99 1.97
N GLU E 195 23.69 -34.99 1.02
CA GLU E 195 23.87 -34.41 -0.33
C GLU E 195 23.05 -33.13 -0.49
N VAL E 196 23.74 -32.02 -0.55
CA VAL E 196 23.16 -30.65 -0.60
C VAL E 196 23.31 -30.09 -2.00
N THR E 197 22.18 -29.80 -2.63
CA THR E 197 22.13 -29.01 -3.88
C THR E 197 21.42 -27.68 -3.60
N HIS E 198 22.11 -26.60 -3.92
CA HIS E 198 21.60 -25.22 -3.78
C HIS E 198 22.14 -24.37 -4.92
N GLN E 199 21.32 -23.40 -5.32
CA GLN E 199 21.56 -22.47 -6.44
C GLN E 199 23.02 -22.00 -6.49
N GLY E 200 23.55 -21.61 -5.35
CA GLY E 200 24.90 -21.04 -5.25
C GLY E 200 25.97 -22.06 -4.95
N LEU E 201 25.75 -23.28 -5.39
CA LEU E 201 26.74 -24.38 -5.34
C LEU E 201 26.91 -24.94 -6.75
N SER E 202 28.07 -24.67 -7.35
CA SER E 202 28.53 -25.12 -8.69
C SER E 202 28.42 -26.65 -8.82
N SER E 203 28.46 -27.37 -7.70
CA SER E 203 28.33 -28.85 -7.64
CA SER E 203 28.32 -28.84 -7.65
C SER E 203 27.72 -29.24 -6.31
N PRO E 204 26.71 -30.16 -6.25
CA PRO E 204 26.19 -30.67 -4.98
C PRO E 204 27.31 -31.04 -4.01
N VAL E 205 27.20 -30.51 -2.79
CA VAL E 205 28.18 -30.70 -1.69
C VAL E 205 27.71 -31.85 -0.78
N THR E 206 28.58 -32.80 -0.55
CA THR E 206 28.31 -33.95 0.33
C THR E 206 29.16 -33.84 1.59
N LYS E 207 28.49 -33.92 2.73
CA LYS E 207 29.11 -34.22 4.04
C LYS E 207 28.77 -35.67 4.40
N SER E 208 29.79 -36.43 4.72
CA SER E 208 29.58 -37.84 5.12
C SER E 208 30.60 -38.29 6.16
N PHE E 209 30.30 -39.45 6.75
CA PHE E 209 31.16 -40.05 7.76
C PHE E 209 30.94 -41.55 7.80
N ASN E 210 31.92 -42.25 8.36
CA ASN E 210 31.87 -43.72 8.64
C ASN E 210 31.54 -43.93 10.12
N ARG E 211 30.48 -44.70 10.39
CA ARG E 211 29.95 -44.94 11.75
C ARG E 211 31.08 -45.13 12.78
N GLY E 212 31.18 -44.20 13.74
CA GLY E 212 32.12 -44.23 14.86
C GLY E 212 33.58 -44.35 14.44
N GLU E 213 34.03 -43.48 13.54
CA GLU E 213 35.41 -43.45 13.02
C GLU E 213 36.10 -42.19 13.57
N ASP F 1 22.55 8.28 -18.49
CA ASP F 1 22.34 6.85 -18.19
C ASP F 1 21.52 6.73 -16.91
N ILE F 2 20.38 7.42 -16.85
CA ILE F 2 19.34 7.30 -15.80
C ILE F 2 19.10 5.84 -15.47
N VAL F 3 18.74 5.56 -14.23
CA VAL F 3 18.40 4.18 -13.76
C VAL F 3 16.95 4.17 -13.27
N MET F 4 16.16 3.23 -13.78
CA MET F 4 14.78 2.99 -13.30
C MET F 4 14.77 1.76 -12.42
N THR F 5 14.35 1.95 -11.18
CA THR F 5 14.28 0.88 -10.17
C THR F 5 12.85 0.65 -9.74
N GLN F 6 12.31 -0.54 -10.00
CA GLN F 6 10.94 -0.84 -9.53
C GLN F 6 11.00 -1.54 -8.17
N SER F 7 9.86 -1.56 -7.51
CA SER F 7 9.66 -2.24 -6.21
C SER F 7 8.18 -2.52 -6.00
N PRO F 8 7.78 -3.72 -5.53
CA PRO F 8 8.70 -4.83 -5.21
C PRO F 8 9.19 -5.61 -6.43
N ALA F 9 10.14 -6.51 -6.22
CA ALA F 9 10.59 -7.50 -7.20
C ALA F 9 9.45 -8.49 -7.51
N THR F 10 8.90 -9.10 -6.46
CA THR F 10 7.83 -10.10 -6.60
C THR F 10 6.73 -9.78 -5.61
N LEU F 11 5.63 -10.52 -5.70
CA LEU F 11 4.32 -10.00 -5.24
C LEU F 11 3.26 -11.07 -5.40
N SER F 12 2.59 -11.39 -4.29
CA SER F 12 1.44 -12.33 -4.30
C SER F 12 0.22 -11.67 -3.69
N VAL F 13 -0.83 -11.56 -4.48
CA VAL F 13 -2.08 -10.84 -4.07
C VAL F 13 -3.29 -11.74 -4.22
N THR F 14 -4.29 -11.53 -3.37
CA THR F 14 -5.59 -12.24 -3.43
C THR F 14 -6.54 -11.47 -4.33
N PRO F 15 -7.20 -12.12 -5.33
CA PRO F 15 -8.01 -11.38 -6.29
C PRO F 15 -9.03 -10.54 -5.51
N GLY F 16 -9.43 -9.43 -6.09
CA GLY F 16 -10.38 -8.48 -5.48
C GLY F 16 -9.70 -7.54 -4.55
N ASP F 17 -8.38 -7.64 -4.49
CA ASP F 17 -7.53 -6.80 -3.61
C ASP F 17 -6.89 -5.69 -4.42
N ARG F 18 -6.59 -4.55 -3.77
CA ARG F 18 -5.84 -3.42 -4.36
C ARG F 18 -4.35 -3.74 -4.25
N VAL F 19 -3.59 -3.31 -5.24
CA VAL F 19 -2.12 -3.45 -5.20
C VAL F 19 -1.47 -2.17 -5.68
N SER F 20 -0.40 -1.73 -5.01
CA SER F 20 0.42 -0.58 -5.45
C SER F 20 1.82 -1.04 -5.86
N LEU F 21 2.22 -0.81 -7.11
CA LEU F 21 3.59 -1.05 -7.59
C LEU F 21 4.30 0.29 -7.71
N SER F 22 5.51 0.35 -7.16
CA SER F 22 6.38 1.54 -7.10
C SER F 22 7.39 1.51 -8.26
N CYS F 23 7.79 2.69 -8.70
CA CYS F 23 8.90 2.90 -9.66
C CYS F 23 9.62 4.18 -9.23
N ARG F 24 10.95 4.12 -9.17
CA ARG F 24 11.80 5.28 -8.83
C ARG F 24 12.76 5.55 -9.98
N ALA F 25 12.89 6.82 -10.36
CA ALA F 25 13.93 7.30 -11.30
C ALA F 25 15.08 7.90 -10.52
N SER F 26 16.26 7.83 -11.16
CA SER F 26 17.55 8.36 -10.67
C SER F 26 17.68 9.87 -10.94
N GLN F 27 16.59 10.51 -11.35
CA GLN F 27 16.49 11.96 -11.58
C GLN F 27 15.04 12.36 -11.89
N THR F 28 14.75 13.65 -11.80
CA THR F 28 13.40 14.20 -12.06
C THR F 28 13.02 14.02 -13.52
N ILE F 29 11.85 13.45 -13.70
CA ILE F 29 11.29 13.15 -15.04
C ILE F 29 9.84 13.61 -15.10
N SER F 30 9.50 14.61 -14.29
CA SER F 30 8.14 15.16 -14.17
C SER F 30 7.09 14.04 -14.16
N ASP F 31 6.10 14.15 -15.05
CA ASP F 31 4.99 13.19 -15.16
C ASP F 31 5.20 12.29 -16.39
N TYR F 32 6.41 12.32 -16.96
CA TYR F 32 6.76 11.50 -18.14
C TYR F 32 7.21 10.12 -17.67
N LEU F 33 6.25 9.25 -17.43
CA LEU F 33 6.46 7.89 -16.94
C LEU F 33 5.36 7.00 -17.51
N HIS F 34 5.74 5.85 -18.06
CA HIS F 34 4.80 4.93 -18.73
C HIS F 34 4.76 3.57 -18.02
N TRP F 35 3.62 2.89 -18.06
CA TRP F 35 3.46 1.57 -17.43
C TRP F 35 2.90 0.59 -18.44
N TYR F 36 3.55 -0.56 -18.54
CA TYR F 36 3.10 -1.70 -19.37
C TYR F 36 3.01 -2.92 -18.46
N GLN F 37 2.20 -3.88 -18.89
CA GLN F 37 2.16 -5.25 -18.35
C GLN F 37 2.47 -6.24 -19.48
N GLN F 38 2.93 -7.41 -19.05
CA GLN F 38 3.32 -8.51 -19.94
C GLN F 38 2.85 -9.81 -19.28
N LYS F 39 1.82 -10.39 -19.86
CA LYS F 39 1.40 -11.78 -19.53
C LYS F 39 2.26 -12.79 -20.29
N SER F 40 2.81 -13.80 -19.60
CA SER F 40 3.75 -14.76 -20.21
C SER F 40 3.13 -15.35 -21.47
N HIS F 41 3.97 -15.55 -22.48
CA HIS F 41 3.61 -15.99 -23.85
C HIS F 41 2.99 -14.85 -24.66
N GLU F 42 2.85 -13.66 -24.07
CA GLU F 42 2.42 -12.42 -24.77
C GLU F 42 3.55 -11.40 -24.74
N SER F 43 3.39 -10.34 -25.51
CA SER F 43 4.33 -9.21 -25.58
C SER F 43 3.75 -8.09 -24.77
N PRO F 44 4.53 -7.06 -24.37
CA PRO F 44 4.01 -5.96 -23.57
C PRO F 44 2.81 -5.21 -24.18
N ARG F 45 1.91 -4.70 -23.34
CA ARG F 45 0.86 -3.77 -23.81
C ARG F 45 0.87 -2.58 -22.87
N LEU F 46 0.74 -1.38 -23.43
CA LEU F 46 0.73 -0.12 -22.67
C LEU F 46 -0.56 0.01 -21.86
N LEU F 47 -0.36 0.25 -20.56
CA LEU F 47 -1.43 0.57 -19.57
C LEU F 47 -1.55 2.07 -19.41
N ILE F 48 -0.43 2.70 -19.05
CA ILE F 48 -0.44 4.15 -18.68
C ILE F 48 0.66 4.90 -19.42
N LYS F 49 0.38 6.13 -19.79
CA LYS F 49 1.39 7.03 -20.35
C LYS F 49 1.32 8.35 -19.59
N PHE F 50 2.44 9.06 -19.54
CA PHE F 50 2.58 10.36 -18.85
C PHE F 50 2.00 10.25 -17.44
N ALA F 51 2.56 9.32 -16.66
CA ALA F 51 2.31 9.13 -15.21
C ALA F 51 0.92 8.54 -14.95
N SER F 52 -0.11 9.12 -15.55
CA SER F 52 -1.52 9.00 -15.09
C SER F 52 -2.53 8.76 -16.23
N GLN F 53 -2.16 9.08 -17.47
CA GLN F 53 -3.13 9.07 -18.59
C GLN F 53 -3.45 7.63 -19.01
N SER F 54 -4.71 7.22 -18.85
CA SER F 54 -5.16 5.86 -19.17
C SER F 54 -5.34 5.75 -20.68
N ILE F 55 -5.08 4.55 -21.18
CA ILE F 55 -5.22 4.22 -22.62
C ILE F 55 -6.57 3.55 -22.86
N SER F 56 -7.10 3.74 -24.06
CA SER F 56 -8.36 3.10 -24.54
C SER F 56 -8.27 1.60 -24.41
N GLY F 57 -9.29 0.98 -23.81
CA GLY F 57 -9.45 -0.48 -23.76
C GLY F 57 -8.63 -1.14 -22.67
N ILE F 58 -7.96 -0.33 -21.86
CA ILE F 58 -7.34 -0.76 -20.58
C ILE F 58 -8.47 -0.86 -19.56
N PRO F 59 -8.63 -2.00 -18.83
CA PRO F 59 -9.56 -2.10 -17.71
C PRO F 59 -9.59 -0.89 -16.80
N SER F 60 -10.78 -0.55 -16.27
CA SER F 60 -10.98 0.68 -15.47
C SER F 60 -10.27 0.60 -14.11
N ARG F 61 -9.66 -0.54 -13.81
CA ARG F 61 -9.08 -0.84 -12.47
C ARG F 61 -7.65 -0.33 -12.32
N PHE F 62 -6.97 -0.18 -13.44
CA PHE F 62 -5.58 0.37 -13.48
C PHE F 62 -5.65 1.90 -13.52
N SER F 63 -4.75 2.55 -12.79
CA SER F 63 -4.37 3.95 -13.07
C SER F 63 -3.03 4.22 -12.41
N GLY F 64 -2.34 5.20 -12.96
CA GLY F 64 -1.00 5.61 -12.56
C GLY F 64 -1.05 6.90 -11.77
N SER F 65 -0.06 7.09 -10.91
CA SER F 65 0.01 8.26 -10.02
C SER F 65 1.46 8.59 -9.71
N GLY F 66 1.66 9.80 -9.17
CA GLY F 66 2.95 10.35 -8.79
C GLY F 66 3.53 11.24 -9.87
N SER F 67 4.56 11.98 -9.51
CA SER F 67 5.33 12.82 -10.46
C SER F 67 6.64 13.21 -9.83
N GLY F 68 7.66 13.45 -10.66
CA GLY F 68 9.01 13.84 -10.24
C GLY F 68 9.99 12.69 -10.30
N SER F 69 10.04 11.88 -9.24
CA SER F 69 10.98 10.74 -9.11
C SER F 69 10.29 9.41 -8.79
N ASP F 70 9.30 9.46 -7.92
CA ASP F 70 8.58 8.27 -7.42
C ASP F 70 7.19 8.19 -8.02
N PHE F 71 6.85 7.01 -8.49
CA PHE F 71 5.58 6.74 -9.20
C PHE F 71 4.93 5.48 -8.66
N THR F 72 3.64 5.40 -8.91
CA THR F 72 2.79 4.30 -8.40
C THR F 72 1.81 3.84 -9.45
N LEU F 73 1.91 2.59 -9.87
CA LEU F 73 0.84 1.88 -10.63
C LEU F 73 -0.07 1.16 -9.66
N SER F 74 -1.31 1.64 -9.58
CA SER F 74 -2.37 1.06 -8.71
C SER F 74 -3.34 0.19 -9.50
N ILE F 75 -3.52 -1.03 -9.03
CA ILE F 75 -4.55 -1.96 -9.54
C ILE F 75 -5.67 -2.11 -8.52
N ASN F 76 -6.83 -1.51 -8.78
CA ASN F 76 -7.96 -1.53 -7.81
C ASN F 76 -8.87 -2.74 -8.09
N SER F 77 -8.75 -3.79 -7.28
CA SER F 77 -9.41 -5.11 -7.44
C SER F 77 -8.80 -5.97 -8.56
N VAL F 78 -7.55 -6.37 -8.31
CA VAL F 78 -6.77 -7.28 -9.18
C VAL F 78 -7.58 -8.55 -9.53
N GLU F 79 -7.38 -9.09 -10.72
CA GLU F 79 -8.13 -10.26 -11.23
C GLU F 79 -7.15 -11.35 -11.64
N PRO F 80 -7.58 -12.61 -11.79
CA PRO F 80 -6.61 -13.68 -12.08
C PRO F 80 -6.01 -13.58 -13.47
N GLU F 81 -6.55 -12.67 -14.28
CA GLU F 81 -6.08 -12.30 -15.65
C GLU F 81 -4.87 -11.38 -15.56
N ASP F 82 -4.70 -10.71 -14.42
CA ASP F 82 -3.69 -9.67 -14.22
C ASP F 82 -2.37 -10.26 -13.77
N VAL F 83 -2.33 -11.59 -13.55
CA VAL F 83 -1.04 -12.33 -13.46
C VAL F 83 -0.11 -11.82 -14.54
N GLY F 84 1.13 -11.47 -14.21
CA GLY F 84 2.05 -10.98 -15.24
C GLY F 84 3.18 -10.20 -14.66
N VAL F 85 3.89 -9.50 -15.53
CA VAL F 85 5.06 -8.67 -15.12
C VAL F 85 4.79 -7.23 -15.54
N TYR F 86 5.01 -6.28 -14.63
CA TYR F 86 4.69 -4.85 -14.85
C TYR F 86 6.00 -4.08 -14.92
N TYR F 87 6.19 -3.33 -16.00
CA TYR F 87 7.39 -2.50 -16.23
C TYR F 87 7.03 -1.03 -16.36
N CYS F 88 7.82 -0.18 -15.68
CA CYS F 88 7.77 1.29 -15.83
C CYS F 88 8.87 1.69 -16.80
N GLN F 89 8.64 2.77 -17.54
CA GLN F 89 9.63 3.29 -18.50
C GLN F 89 9.61 4.82 -18.49
N ASN F 90 10.77 5.43 -18.30
CA ASN F 90 10.88 6.92 -18.23
C ASN F 90 10.65 7.50 -19.62
N GLY F 91 9.84 8.56 -19.68
CA GLY F 91 9.54 9.25 -20.94
C GLY F 91 10.51 10.37 -21.15
N HIS F 92 11.16 10.78 -20.07
CA HIS F 92 12.20 11.82 -20.06
C HIS F 92 13.56 11.25 -19.65
N GLY F 93 14.60 12.01 -19.96
CA GLY F 93 16.00 11.58 -19.79
C GLY F 93 16.37 10.58 -20.86
N PHE F 94 17.66 10.40 -21.05
CA PHE F 94 18.23 9.47 -22.06
C PHE F 94 19.12 8.49 -21.30
N PRO F 95 19.02 7.18 -21.59
CA PRO F 95 18.14 6.63 -22.63
C PRO F 95 16.71 6.43 -22.17
N ARG F 96 15.88 5.88 -23.06
CA ARG F 96 14.51 5.45 -22.74
C ARG F 96 14.63 4.10 -22.03
N THR F 97 14.90 4.17 -20.74
CA THR F 97 15.16 3.02 -19.85
C THR F 97 13.85 2.37 -19.39
N PHE F 98 13.85 1.06 -19.26
CA PHE F 98 12.79 0.29 -18.58
C PHE F 98 13.24 -0.13 -17.16
N GLY F 99 12.23 -0.29 -16.31
CA GLY F 99 12.34 -0.80 -14.94
C GLY F 99 12.65 -2.27 -14.91
N GLY F 100 13.06 -2.76 -13.75
CA GLY F 100 13.54 -4.14 -13.57
C GLY F 100 12.43 -5.12 -13.82
N GLY F 101 11.19 -4.66 -13.59
CA GLY F 101 9.99 -5.50 -13.64
C GLY F 101 9.48 -5.89 -12.26
N THR F 102 8.19 -5.77 -12.08
CA THR F 102 7.46 -6.33 -10.91
C THR F 102 6.71 -7.58 -11.33
N LYS F 103 7.06 -8.73 -10.76
CA LYS F 103 6.31 -9.97 -11.04
C LYS F 103 5.13 -10.04 -10.10
N LEU F 104 3.93 -10.16 -10.65
CA LEU F 104 2.68 -10.19 -9.87
C LEU F 104 2.01 -11.56 -9.99
N GLU F 105 2.26 -12.41 -8.98
CA GLU F 105 1.62 -13.71 -8.76
C GLU F 105 0.26 -13.52 -8.06
N ILE F 106 -0.72 -14.26 -8.53
CA ILE F 106 -2.07 -14.36 -7.90
C ILE F 106 -2.09 -15.48 -6.87
N LYS F 107 -2.70 -15.22 -5.73
CA LYS F 107 -2.97 -16.20 -4.66
C LYS F 107 -4.34 -16.81 -4.89
N ARG F 108 -4.46 -18.11 -4.64
CA ARG F 108 -5.77 -18.80 -4.68
C ARG F 108 -5.82 -19.98 -3.70
N THR F 109 -7.04 -20.45 -3.46
CA THR F 109 -7.41 -21.76 -2.86
C THR F 109 -6.49 -22.87 -3.36
N VAL F 110 -6.15 -23.79 -2.48
CA VAL F 110 -5.32 -24.98 -2.81
C VAL F 110 -6.05 -25.89 -3.81
N ALA F 111 -5.30 -26.35 -4.82
CA ALA F 111 -5.80 -27.31 -5.83
C ALA F 111 -4.85 -28.50 -5.94
N ALA F 112 -5.42 -29.69 -5.87
CA ALA F 112 -4.69 -30.97 -6.03
C ALA F 112 -4.32 -31.17 -7.50
N PRO F 113 -3.08 -31.64 -7.78
CA PRO F 113 -2.69 -31.95 -9.16
C PRO F 113 -3.34 -33.20 -9.74
N SER F 114 -3.87 -33.12 -10.96
CA SER F 114 -4.20 -34.32 -11.76
C SER F 114 -2.89 -34.98 -12.17
N VAL F 115 -2.65 -36.24 -11.79
CA VAL F 115 -1.31 -36.82 -12.04
C VAL F 115 -1.35 -37.93 -13.08
N PHE F 116 -0.51 -37.82 -14.12
CA PHE F 116 -0.43 -38.78 -15.24
C PHE F 116 1.02 -39.31 -15.37
N ILE F 117 1.16 -40.58 -15.78
CA ILE F 117 2.47 -41.10 -16.20
C ILE F 117 2.43 -41.61 -17.63
N PHE F 118 3.52 -41.38 -18.33
CA PHE F 118 3.70 -41.76 -19.74
C PHE F 118 4.97 -42.61 -19.88
N PRO F 119 4.88 -43.85 -20.39
CA PRO F 119 6.05 -44.69 -20.59
C PRO F 119 6.80 -44.17 -21.81
N PRO F 120 8.01 -44.69 -22.13
CA PRO F 120 8.69 -44.27 -23.33
C PRO F 120 8.02 -44.79 -24.61
N SER F 121 8.25 -44.06 -25.71
CA SER F 121 7.85 -44.40 -27.09
C SER F 121 8.72 -45.50 -27.66
N ASP F 122 8.15 -46.45 -28.41
CA ASP F 122 8.90 -47.54 -29.09
C ASP F 122 9.99 -46.95 -29.97
N GLU F 123 9.64 -45.82 -30.60
CA GLU F 123 10.48 -45.12 -31.58
C GLU F 123 11.82 -44.70 -30.95
N GLN F 124 11.71 -44.07 -29.79
CA GLN F 124 12.86 -43.56 -29.02
C GLN F 124 13.70 -44.73 -28.55
N LEU F 125 13.05 -45.80 -28.10
CA LEU F 125 13.74 -46.98 -27.58
C LEU F 125 14.74 -47.53 -28.59
N LYS F 126 14.27 -47.77 -29.81
CA LYS F 126 15.19 -48.20 -30.89
C LYS F 126 16.22 -47.10 -31.15
N SER F 127 15.86 -45.85 -30.90
CA SER F 127 16.81 -44.70 -30.98
C SER F 127 17.94 -44.81 -29.95
N GLY F 128 17.75 -45.65 -28.93
CA GLY F 128 18.83 -46.05 -28.01
C GLY F 128 18.59 -45.60 -26.58
N THR F 129 17.54 -44.80 -26.38
CA THR F 129 17.21 -44.17 -25.07
C THR F 129 15.75 -44.43 -24.71
N ALA F 130 15.49 -44.42 -23.39
CA ALA F 130 14.11 -44.42 -22.83
C ALA F 130 13.90 -43.18 -21.94
N SER F 131 12.81 -42.47 -22.20
CA SER F 131 12.42 -41.31 -21.35
C SER F 131 11.00 -41.52 -20.83
N VAL F 132 10.87 -41.64 -19.52
CA VAL F 132 9.58 -41.74 -18.80
C VAL F 132 9.15 -40.34 -18.37
N VAL F 133 7.87 -39.99 -18.56
CA VAL F 133 7.37 -38.62 -18.25
C VAL F 133 6.28 -38.69 -17.19
N CYS F 134 6.32 -37.80 -16.22
CA CYS F 134 5.25 -37.69 -15.20
C CYS F 134 4.73 -36.26 -15.18
N LEU F 135 3.45 -36.13 -15.48
CA LEU F 135 2.76 -34.83 -15.51
C LEU F 135 1.93 -34.62 -14.25
N LEU F 136 2.10 -33.46 -13.62
CA LEU F 136 1.16 -32.88 -12.62
C LEU F 136 0.45 -31.70 -13.27
N ASN F 137 -0.88 -31.78 -13.30
CA ASN F 137 -1.72 -30.84 -14.10
C ASN F 137 -2.61 -29.97 -13.20
N ASN F 138 -2.53 -28.65 -13.38
CA ASN F 138 -3.45 -27.64 -12.80
C ASN F 138 -3.54 -27.76 -11.28
N PHE F 139 -2.47 -27.31 -10.61
CA PHE F 139 -2.39 -27.36 -9.13
C PHE F 139 -1.91 -26.03 -8.56
N TYR F 140 -2.02 -25.90 -7.25
CA TYR F 140 -1.62 -24.69 -6.50
C TYR F 140 -1.49 -25.04 -5.04
N PRO F 141 -0.43 -24.59 -4.33
CA PRO F 141 0.59 -23.68 -4.86
C PRO F 141 1.66 -24.39 -5.68
N ARG F 142 2.65 -23.61 -6.12
CA ARG F 142 3.62 -24.01 -7.17
C ARG F 142 4.47 -25.16 -6.65
N GLU F 143 4.81 -25.12 -5.37
CA GLU F 143 5.70 -26.13 -4.75
C GLU F 143 5.02 -27.52 -4.77
N ALA F 144 5.78 -28.52 -5.22
CA ALA F 144 5.36 -29.93 -5.26
C ALA F 144 6.59 -30.85 -5.43
N LYS F 145 6.63 -31.94 -4.66
CA LYS F 145 7.69 -32.97 -4.76
C LYS F 145 7.25 -34.03 -5.77
N VAL F 146 8.25 -34.60 -6.43
CA VAL F 146 8.14 -35.75 -7.37
C VAL F 146 9.38 -36.63 -7.19
N GLN F 147 9.17 -37.88 -6.76
CA GLN F 147 10.27 -38.87 -6.64
C GLN F 147 10.05 -40.04 -7.59
N TRP F 148 11.14 -40.46 -8.24
CA TRP F 148 11.17 -41.52 -9.27
C TRP F 148 11.65 -42.84 -8.66
N LYS F 149 10.76 -43.84 -8.68
CA LYS F 149 10.98 -45.18 -8.09
C LYS F 149 11.02 -46.23 -9.21
N VAL F 150 12.14 -46.94 -9.35
CA VAL F 150 12.33 -48.02 -10.36
C VAL F 150 12.56 -49.34 -9.61
N ASP F 151 11.50 -50.16 -9.55
CA ASP F 151 11.40 -51.40 -8.72
C ASP F 151 11.54 -50.98 -7.25
N ASN F 152 10.85 -49.89 -6.89
CA ASN F 152 10.81 -49.28 -5.54
C ASN F 152 12.22 -49.03 -5.02
N ALA F 153 13.13 -48.66 -5.92
CA ALA F 153 14.48 -48.17 -5.58
C ALA F 153 14.60 -46.70 -6.01
N LEU F 154 14.52 -45.77 -5.04
CA LEU F 154 14.27 -44.32 -5.27
C LEU F 154 15.44 -43.68 -6.02
N GLN F 155 15.14 -42.97 -7.11
CA GLN F 155 16.13 -42.52 -8.13
C GLN F 155 16.59 -41.10 -7.82
N SER F 156 17.84 -40.79 -8.17
CA SER F 156 18.47 -39.48 -7.88
C SER F 156 19.43 -39.06 -9.01
N GLY F 157 19.15 -37.89 -9.59
CA GLY F 157 20.07 -37.18 -10.51
C GLY F 157 19.89 -37.59 -11.94
N ASN F 158 18.79 -38.29 -12.24
CA ASN F 158 18.44 -38.70 -13.63
C ASN F 158 17.05 -38.22 -14.03
N SER F 159 16.53 -37.22 -13.31
CA SER F 159 15.21 -36.58 -13.52
C SER F 159 15.40 -35.09 -13.82
N GLN F 160 14.41 -34.48 -14.43
CA GLN F 160 14.38 -33.02 -14.64
C GLN F 160 12.95 -32.52 -14.58
N GLU F 161 12.72 -31.59 -13.64
CA GLU F 161 11.44 -30.90 -13.45
C GLU F 161 11.43 -29.70 -14.41
N SER F 162 10.26 -29.39 -14.96
CA SER F 162 9.96 -28.09 -15.55
C SER F 162 8.54 -27.69 -15.17
N VAL F 163 8.39 -26.44 -14.80
CA VAL F 163 7.14 -25.82 -14.29
C VAL F 163 6.61 -24.79 -15.27
N THR F 164 5.35 -24.93 -15.65
CA THR F 164 4.60 -23.92 -16.45
C THR F 164 4.44 -22.65 -15.63
N GLU F 165 4.26 -21.54 -16.31
CA GLU F 165 3.85 -20.28 -15.68
C GLU F 165 2.41 -20.44 -15.19
N GLN F 166 2.08 -19.62 -14.22
CA GLN F 166 0.71 -19.53 -13.64
C GLN F 166 -0.31 -19.16 -14.71
N ASP F 167 -1.37 -19.97 -14.82
CA ASP F 167 -2.55 -19.72 -15.68
C ASP F 167 -3.18 -18.35 -15.36
N SER F 168 -3.74 -17.71 -16.37
CA SER F 168 -4.39 -16.38 -16.22
C SER F 168 -5.91 -16.52 -16.34
N LYS F 169 -6.44 -17.74 -16.24
CA LYS F 169 -7.89 -17.93 -15.91
C LYS F 169 -8.06 -18.55 -14.52
N ASP F 170 -7.35 -19.64 -14.22
CA ASP F 170 -7.58 -20.46 -12.99
C ASP F 170 -6.40 -20.38 -12.03
N SER F 171 -5.38 -19.61 -12.40
CA SER F 171 -4.22 -19.28 -11.54
C SER F 171 -3.52 -20.53 -11.02
N THR F 172 -3.52 -21.60 -11.80
CA THR F 172 -2.85 -22.88 -11.45
C THR F 172 -1.47 -22.98 -12.11
N TYR F 173 -0.74 -24.03 -11.76
CA TYR F 173 0.55 -24.40 -12.35
C TYR F 173 0.45 -25.78 -12.99
N SER F 174 1.43 -26.10 -13.84
CA SER F 174 1.63 -27.48 -14.33
C SER F 174 3.11 -27.82 -14.30
N LEU F 175 3.42 -29.10 -14.15
CA LEU F 175 4.82 -29.53 -13.94
C LEU F 175 5.07 -30.88 -14.55
N SER F 176 6.17 -31.00 -15.28
CA SER F 176 6.64 -32.24 -15.93
C SER F 176 7.90 -32.67 -15.20
N SER F 177 8.04 -33.98 -14.96
CA SER F 177 9.32 -34.58 -14.60
C SER F 177 9.69 -35.65 -15.62
N THR F 178 10.83 -35.45 -16.24
CA THR F 178 11.39 -36.36 -17.27
C THR F 178 12.50 -37.19 -16.64
N LEU F 179 12.28 -38.49 -16.56
CA LEU F 179 13.30 -39.49 -16.13
C LEU F 179 13.97 -40.07 -17.38
N THR F 180 15.28 -40.00 -17.45
CA THR F 180 16.03 -40.43 -18.64
C THR F 180 16.96 -41.60 -18.32
N LEU F 181 16.75 -42.73 -18.99
CA LEU F 181 17.64 -43.90 -18.90
C LEU F 181 18.05 -44.33 -20.30
N SER F 182 19.07 -45.17 -20.41
CA SER F 182 19.38 -45.82 -21.68
C SER F 182 18.38 -46.96 -21.90
N LYS F 183 18.30 -47.44 -23.14
CA LYS F 183 17.46 -48.59 -23.54
C LYS F 183 17.79 -49.74 -22.59
N ALA F 184 19.09 -50.04 -22.47
CA ALA F 184 19.67 -51.14 -21.66
C ALA F 184 19.17 -51.08 -20.22
N ASP F 185 19.49 -49.97 -19.53
CA ASP F 185 19.04 -49.75 -18.13
C ASP F 185 17.55 -50.08 -18.01
N TYR F 186 16.77 -49.41 -18.84
CA TYR F 186 15.30 -49.48 -18.85
C TYR F 186 14.83 -50.94 -18.97
N GLU F 187 15.47 -51.73 -19.83
CA GLU F 187 15.10 -53.13 -20.13
C GLU F 187 15.50 -54.06 -18.96
N LYS F 188 16.32 -53.58 -18.03
CA LYS F 188 16.83 -54.36 -16.87
C LYS F 188 15.79 -54.42 -15.76
N HIS F 189 14.79 -53.51 -15.79
CA HIS F 189 13.78 -53.34 -14.71
C HIS F 189 12.34 -53.48 -15.25
N LYS F 190 11.39 -53.55 -14.34
CA LYS F 190 9.96 -53.82 -14.66
C LYS F 190 9.07 -52.63 -14.31
N VAL F 191 9.04 -52.30 -13.02
CA VAL F 191 8.16 -51.26 -12.43
C VAL F 191 8.78 -49.86 -12.55
N TYR F 192 8.03 -48.94 -13.11
CA TYR F 192 8.41 -47.51 -13.23
C TYR F 192 7.33 -46.66 -12.57
N ALA F 193 7.76 -45.84 -11.61
CA ALA F 193 6.86 -45.20 -10.64
C ALA F 193 7.20 -43.73 -10.46
N CYS F 194 6.14 -42.94 -10.36
CA CYS F 194 6.09 -41.50 -10.03
C CYS F 194 5.34 -41.32 -8.70
N GLU F 195 6.05 -40.85 -7.69
CA GLU F 195 5.51 -40.56 -6.34
C GLU F 195 5.39 -39.06 -6.13
N VAL F 196 4.16 -38.58 -6.08
CA VAL F 196 3.80 -37.15 -5.99
C VAL F 196 3.34 -36.85 -4.56
N THR F 197 4.04 -35.92 -3.89
CA THR F 197 3.51 -35.29 -2.66
C THR F 197 3.28 -33.80 -2.94
N HIS F 198 2.06 -33.36 -2.67
CA HIS F 198 1.64 -31.95 -2.77
C HIS F 198 0.66 -31.63 -1.65
N GLN F 199 0.77 -30.38 -1.18
CA GLN F 199 -0.02 -29.79 -0.07
C GLN F 199 -1.48 -30.26 -0.06
N GLY F 200 -2.13 -30.26 -1.21
CA GLY F 200 -3.53 -30.65 -1.35
C GLY F 200 -3.73 -32.10 -1.71
N LEU F 201 -2.83 -32.97 -1.25
CA LEU F 201 -3.04 -34.44 -1.32
C LEU F 201 -3.01 -35.06 0.07
N SER F 202 -4.14 -35.65 0.48
CA SER F 202 -4.33 -36.32 1.78
C SER F 202 -3.33 -37.47 1.94
N SER F 203 -2.78 -37.99 0.84
CA SER F 203 -1.75 -39.07 0.85
CA SER F 203 -1.74 -39.06 0.86
C SER F 203 -0.96 -39.01 -0.45
N PRO F 204 0.39 -39.08 -0.43
CA PRO F 204 1.22 -39.13 -1.64
C PRO F 204 0.64 -40.10 -2.67
N VAL F 205 0.47 -39.60 -3.89
CA VAL F 205 -0.13 -40.36 -5.02
C VAL F 205 0.97 -40.96 -5.88
N THR F 206 0.89 -42.26 -6.13
CA THR F 206 1.83 -42.94 -7.05
C THR F 206 1.11 -43.31 -8.34
N LYS F 207 1.68 -42.93 -9.48
CA LYS F 207 1.35 -43.47 -10.82
C LYS F 207 2.50 -44.37 -11.25
N SER F 208 2.18 -45.55 -11.74
CA SER F 208 3.24 -46.49 -12.16
C SER F 208 2.75 -47.46 -13.21
N PHE F 209 3.71 -48.17 -13.80
CA PHE F 209 3.42 -49.21 -14.79
C PHE F 209 4.53 -50.24 -14.83
N ASN F 210 4.22 -51.38 -15.47
CA ASN F 210 5.14 -52.49 -15.79
C ASN F 210 5.54 -52.46 -17.26
N ARG F 211 6.85 -52.48 -17.50
CA ARG F 211 7.46 -52.29 -18.84
C ARG F 211 6.70 -53.07 -19.92
N GLY F 212 6.03 -52.32 -20.79
CA GLY F 212 5.31 -52.83 -21.98
C GLY F 212 4.23 -53.83 -21.64
N GLU F 213 3.35 -53.51 -20.68
CA GLU F 213 2.26 -54.41 -20.25
C GLU F 213 0.92 -53.84 -20.72
#